data_4CZS
#
_entry.id   4CZS
#
_cell.length_a   59.995
_cell.length_b   62.761
_cell.length_c   124.827
_cell.angle_alpha   90.00
_cell.angle_beta   96.10
_cell.angle_gamma   90.00
#
_symmetry.space_group_name_H-M   'P 1 21 1'
#
loop_
_entity.id
_entity.type
_entity.pdbx_description
1 polymer 'Concanavalin V'
2 polymer MAN-WYD
3 non-polymer 'CALCIUM ION'
4 non-polymer 'MANGANESE (II) ION'
5 non-polymer '2-hydroxyethyl alpha-D-mannopyranoside'
6 water water
#
loop_
_entity_poly.entity_id
_entity_poly.type
_entity_poly.pdbx_seq_one_letter_code
_entity_poly.pdbx_strand_id
1 'polypeptide(L)'
;ADTIVAVELDTYPNTDIGDPSYPHIGIDIKSVRSKKTAKWNMQNGKVGTAHIIYNSVDKRLSAVVSYPNADSATVSYDVD
LDNVLPEWVRVGLSASTGLYKETNTILSWSFTSKLKSNSTHETNALHFMFNQFSKDQKDLILQGDATTGTDGNLELTRVS
SNGSPQGSSVGRALFYAPVHIWESSAVVASFEATFTFLIKSPDSHPADGIAFFISNIDSSIPSGSTGRLLGLFPDAN
;
A,B,C,D
2 'polypeptide(L)' GWY(XSN) E,F,G,H
#
loop_
_chem_comp.id
_chem_comp.type
_chem_comp.name
_chem_comp.formula
8LR D-saccharide '2-hydroxyethyl alpha-D-mannopyranoside' 'C8 H16 O7'
CA non-polymer 'CALCIUM ION' 'Ca 2'
MN non-polymer 'MANGANESE (II) ION' 'Mn 2'
#
# COMPACT_ATOMS: atom_id res chain seq x y z
N ALA A 1 15.21 -10.36 -31.24
CA ALA A 1 14.09 -11.05 -30.61
C ALA A 1 13.87 -10.49 -29.21
N ASP A 2 12.69 -10.74 -28.65
CA ASP A 2 12.38 -10.25 -27.32
C ASP A 2 13.29 -10.85 -26.26
N THR A 3 13.38 -10.20 -25.11
CA THR A 3 14.06 -10.77 -23.96
C THR A 3 12.97 -11.10 -22.96
N ILE A 4 12.85 -12.36 -22.58
CA ILE A 4 11.76 -12.79 -21.71
C ILE A 4 12.25 -13.47 -20.45
N VAL A 5 11.70 -13.05 -19.29
CA VAL A 5 11.81 -13.83 -18.06
C VAL A 5 10.40 -14.18 -17.68
N ALA A 6 10.16 -15.44 -17.31
CA ALA A 6 8.79 -15.85 -17.06
C ALA A 6 8.65 -16.92 -16.02
N VAL A 7 7.48 -16.95 -15.41
CA VAL A 7 7.12 -18.07 -14.58
C VAL A 7 6.00 -18.75 -15.31
N GLU A 8 6.20 -20.00 -15.68
CA GLU A 8 5.19 -20.71 -16.44
C GLU A 8 4.40 -21.68 -15.58
N LEU A 9 3.09 -21.71 -15.81
CA LEU A 9 2.23 -22.74 -15.26
C LEU A 9 1.93 -23.56 -16.49
N ASP A 10 2.72 -24.61 -16.66
CA ASP A 10 2.74 -25.36 -17.92
C ASP A 10 1.89 -26.60 -17.70
N THR A 11 0.78 -26.69 -18.41
CA THR A 11 -0.17 -27.78 -18.17
C THR A 11 0.09 -28.95 -19.10
N TYR A 12 0.98 -28.77 -20.06
CA TYR A 12 1.19 -29.81 -21.07
C TYR A 12 2.64 -30.23 -21.21
N PRO A 13 2.89 -31.54 -21.01
CA PRO A 13 4.27 -32.06 -21.05
C PRO A 13 4.83 -32.16 -22.46
N ASN A 14 5.70 -31.21 -22.79
CA ASN A 14 6.50 -31.31 -23.98
C ASN A 14 7.86 -31.88 -23.61
N THR A 15 7.94 -33.20 -23.56
CA THR A 15 9.15 -33.84 -23.04
C THR A 15 10.35 -33.62 -23.95
N ASP A 16 10.10 -33.28 -25.21
CA ASP A 16 11.20 -33.08 -26.16
C ASP A 16 11.97 -31.77 -25.91
N ILE A 17 11.35 -30.85 -25.20
CA ILE A 17 12.01 -29.59 -24.83
C ILE A 17 12.22 -29.48 -23.33
N GLY A 18 12.29 -30.62 -22.67
CA GLY A 18 12.71 -30.63 -21.28
C GLY A 18 11.62 -30.55 -20.23
N ASP A 19 10.36 -30.45 -20.65
CA ASP A 19 9.27 -30.53 -19.70
C ASP A 19 9.34 -31.87 -19.01
N PRO A 20 9.05 -31.89 -17.71
CA PRO A 20 8.81 -33.16 -17.02
C PRO A 20 7.51 -33.78 -17.52
N SER A 21 7.26 -35.04 -17.24
CA SER A 21 6.06 -35.72 -17.76
CA SER A 21 6.07 -35.73 -17.74
C SER A 21 4.82 -35.47 -16.91
N TYR A 22 4.55 -34.19 -16.63
CA TYR A 22 3.38 -33.80 -15.86
C TYR A 22 3.30 -32.29 -15.86
N PRO A 23 2.11 -31.74 -15.55
CA PRO A 23 2.00 -30.28 -15.43
C PRO A 23 2.96 -29.79 -14.35
N HIS A 24 3.54 -28.62 -14.55
CA HIS A 24 4.63 -28.19 -13.72
C HIS A 24 4.65 -26.69 -13.71
N ILE A 25 5.24 -26.09 -12.69
CA ILE A 25 5.58 -24.69 -12.79
C ILE A 25 7.06 -24.60 -13.12
N GLY A 26 7.46 -23.50 -13.74
CA GLY A 26 8.83 -23.37 -14.18
C GLY A 26 9.27 -21.93 -14.22
N ILE A 27 10.57 -21.73 -14.06
CA ILE A 27 11.19 -20.43 -14.22
C ILE A 27 11.92 -20.43 -15.54
N ASP A 28 11.51 -19.52 -16.41
CA ASP A 28 12.05 -19.44 -17.77
C ASP A 28 12.88 -18.20 -17.92
N ILE A 29 14.16 -18.41 -18.23
CA ILE A 29 15.06 -17.27 -18.40
C ILE A 29 15.52 -17.29 -19.85
N LYS A 30 14.86 -16.47 -20.66
CA LYS A 30 15.21 -16.31 -22.08
C LYS A 30 15.10 -17.62 -22.87
N SER A 31 14.37 -18.57 -22.33
CA SER A 31 14.15 -19.83 -23.02
C SER A 31 12.91 -20.53 -22.52
N VAL A 32 12.24 -21.25 -23.40
CA VAL A 32 11.08 -22.03 -23.00
C VAL A 32 11.47 -23.26 -22.18
N ARG A 33 12.75 -23.60 -22.23
CA ARG A 33 13.28 -24.74 -21.49
C ARG A 33 13.62 -24.24 -20.11
N SER A 34 12.71 -24.46 -19.16
CA SER A 34 12.82 -23.85 -17.85
C SER A 34 14.16 -24.14 -17.20
N LYS A 35 14.69 -23.14 -16.50
CA LYS A 35 15.93 -23.32 -15.75
C LYS A 35 15.65 -24.19 -14.54
N LYS A 36 14.41 -24.16 -14.09
CA LYS A 36 14.00 -24.86 -12.90
C LYS A 36 12.52 -25.16 -13.00
N THR A 37 12.11 -26.37 -12.60
CA THR A 37 10.70 -26.74 -12.61
C THR A 37 10.31 -27.41 -11.31
N ALA A 38 9.00 -27.45 -11.07
CA ALA A 38 8.47 -28.20 -9.93
C ALA A 38 7.17 -28.82 -10.34
N LYS A 39 6.92 -30.04 -9.86
CA LYS A 39 5.69 -30.71 -10.21
C LYS A 39 4.51 -29.87 -9.72
N TRP A 40 3.49 -29.75 -10.56
CA TRP A 40 2.34 -28.95 -10.19
C TRP A 40 1.09 -29.77 -10.39
N ASN A 41 0.33 -29.95 -9.32
CA ASN A 41 -0.93 -30.66 -9.41
C ASN A 41 -2.08 -29.76 -9.82
N MET A 42 -2.14 -29.48 -11.13
CA MET A 42 -3.16 -28.64 -11.73
C MET A 42 -4.52 -29.24 -11.46
N GLN A 43 -5.45 -28.40 -11.01
CA GLN A 43 -6.81 -28.87 -10.79
C GLN A 43 -7.74 -28.29 -11.84
N ASN A 44 -8.13 -29.15 -12.78
CA ASN A 44 -9.02 -28.77 -13.88
C ASN A 44 -10.29 -28.07 -13.41
N GLY A 45 -10.51 -26.85 -13.88
CA GLY A 45 -11.74 -26.15 -13.60
C GLY A 45 -11.84 -25.54 -12.21
N LYS A 46 -10.74 -25.51 -11.47
CA LYS A 46 -10.73 -24.86 -10.17
C LYS A 46 -9.91 -23.58 -10.22
N VAL A 47 -10.28 -22.58 -9.43
CA VAL A 47 -9.52 -21.32 -9.40
C VAL A 47 -8.23 -21.51 -8.62
N GLY A 48 -7.10 -21.21 -9.27
CA GLY A 48 -5.82 -21.33 -8.61
C GLY A 48 -5.25 -19.96 -8.38
N THR A 49 -4.20 -19.89 -7.57
CA THR A 49 -3.50 -18.65 -7.33
C THR A 49 -2.03 -18.85 -7.63
N ALA A 50 -1.40 -17.85 -8.24
CA ALA A 50 0.05 -17.88 -8.45
C ALA A 50 0.62 -16.64 -7.81
N HIS A 51 1.75 -16.80 -7.12
CA HIS A 51 2.45 -15.70 -6.47
CA HIS A 51 2.42 -15.68 -6.51
C HIS A 51 3.88 -15.73 -6.94
N ILE A 52 4.38 -14.61 -7.44
CA ILE A 52 5.73 -14.59 -7.94
C ILE A 52 6.44 -13.49 -7.19
N ILE A 53 7.68 -13.76 -6.74
CA ILE A 53 8.42 -12.75 -6.02
C ILE A 53 9.89 -12.73 -6.43
N TYR A 54 10.49 -11.55 -6.34
CA TYR A 54 11.91 -11.40 -6.58
C TYR A 54 12.37 -10.19 -5.80
N ASN A 55 13.59 -10.25 -5.27
CA ASN A 55 14.20 -9.03 -4.75
C ASN A 55 15.66 -9.08 -5.07
N SER A 56 16.29 -7.91 -5.15
CA SER A 56 17.65 -7.81 -5.65
C SER A 56 18.68 -8.15 -4.56
N VAL A 57 18.20 -8.33 -3.34
CA VAL A 57 19.10 -8.72 -2.26
C VAL A 57 19.47 -10.19 -2.46
N ASP A 58 18.46 -11.05 -2.39
CA ASP A 58 18.66 -12.48 -2.61
C ASP A 58 18.91 -12.81 -4.09
N LYS A 59 18.33 -12.01 -4.97
CA LYS A 59 18.36 -12.26 -6.41
C LYS A 59 17.82 -13.64 -6.70
N ARG A 60 16.68 -13.93 -6.10
CA ARG A 60 16.04 -15.22 -6.25
C ARG A 60 14.62 -15.01 -6.75
N LEU A 61 14.34 -15.57 -7.92
CA LEU A 61 12.98 -15.53 -8.45
C LEU A 61 12.26 -16.77 -7.99
N SER A 62 11.16 -16.57 -7.30
CA SER A 62 10.42 -17.68 -6.77
C SER A 62 8.95 -17.57 -7.11
N ALA A 63 8.30 -18.72 -7.20
CA ALA A 63 6.90 -18.72 -7.48
C ALA A 63 6.23 -19.82 -6.70
N VAL A 64 5.00 -19.55 -6.30
CA VAL A 64 4.20 -20.56 -5.63
CA VAL A 64 4.19 -20.54 -5.62
C VAL A 64 2.83 -20.56 -6.27
N VAL A 65 2.35 -21.75 -6.62
CA VAL A 65 1.04 -21.87 -7.22
C VAL A 65 0.25 -22.83 -6.37
N SER A 66 -0.98 -22.45 -6.05
CA SER A 66 -1.74 -23.26 -5.12
C SER A 66 -3.22 -23.19 -5.44
N TYR A 67 -3.94 -24.15 -4.89
CA TYR A 67 -5.39 -24.14 -4.88
C TYR A 67 -5.78 -24.21 -3.41
N PRO A 68 -6.95 -23.64 -3.07
CA PRO A 68 -7.47 -23.73 -1.70
C PRO A 68 -7.45 -25.16 -1.18
N ASN A 69 -7.05 -25.35 0.07
CA ASN A 69 -7.05 -26.67 0.70
C ASN A 69 -6.20 -27.73 0.00
N ALA A 70 -5.19 -27.28 -0.75
CA ALA A 70 -4.28 -28.19 -1.42
C ALA A 70 -2.86 -27.77 -1.15
N ASP A 71 -1.91 -28.70 -1.21
CA ASP A 71 -0.51 -28.36 -1.03
C ASP A 71 -0.06 -27.50 -2.21
N SER A 72 0.75 -26.50 -1.95
CA SER A 72 1.25 -25.63 -3.01
CA SER A 72 1.26 -25.63 -3.01
C SER A 72 2.42 -26.28 -3.75
N ALA A 73 2.66 -25.80 -4.97
CA ALA A 73 3.86 -26.15 -5.71
C ALA A 73 4.70 -24.89 -5.66
N THR A 74 5.99 -25.05 -5.44
CA THR A 74 6.89 -23.92 -5.37
C THR A 74 8.12 -24.16 -6.21
N VAL A 75 8.56 -23.12 -6.91
CA VAL A 75 9.78 -23.23 -7.70
C VAL A 75 10.60 -21.96 -7.49
N SER A 76 11.92 -22.10 -7.46
CA SER A 76 12.80 -20.97 -7.19
CA SER A 76 12.78 -20.96 -7.22
C SER A 76 14.05 -21.05 -8.05
N TYR A 77 14.59 -19.90 -8.42
CA TYR A 77 15.82 -19.89 -9.22
C TYR A 77 16.65 -18.66 -8.92
N ASP A 78 17.93 -18.85 -8.61
CA ASP A 78 18.82 -17.71 -8.44
C ASP A 78 19.19 -17.11 -9.79
N VAL A 79 18.90 -15.84 -9.96
CA VAL A 79 19.16 -15.19 -11.23
C VAL A 79 19.29 -13.70 -10.99
N ASP A 80 20.32 -13.11 -11.60
CA ASP A 80 20.52 -11.67 -11.50
C ASP A 80 19.80 -11.03 -12.68
N LEU A 81 18.61 -10.48 -12.44
CA LEU A 81 17.84 -9.90 -13.54
C LEU A 81 18.53 -8.70 -14.17
N ASP A 82 19.47 -8.07 -13.44
CA ASP A 82 20.29 -6.98 -14.02
C ASP A 82 21.03 -7.47 -15.24
N ASN A 83 21.34 -8.76 -15.26
CA ASN A 83 22.16 -9.33 -16.31
C ASN A 83 21.33 -10.05 -17.36
N VAL A 84 20.01 -9.96 -17.24
CA VAL A 84 19.12 -10.61 -18.18
C VAL A 84 18.16 -9.62 -18.85
N LEU A 85 17.45 -8.85 -18.02
CA LEU A 85 16.44 -7.92 -18.53
C LEU A 85 16.98 -6.52 -18.76
N PRO A 86 16.35 -5.78 -19.68
CA PRO A 86 16.61 -4.34 -19.75
C PRO A 86 16.13 -3.69 -18.46
N GLU A 87 16.65 -2.51 -18.13
CA GLU A 87 16.26 -1.79 -16.93
C GLU A 87 14.76 -1.56 -16.92
N TRP A 88 14.23 -1.19 -18.07
CA TRP A 88 12.81 -0.92 -18.22
C TRP A 88 12.17 -2.05 -18.98
N VAL A 89 11.04 -2.51 -18.48
CA VAL A 89 10.39 -3.68 -19.00
C VAL A 89 8.90 -3.45 -19.00
N ARG A 90 8.16 -4.36 -19.61
CA ARG A 90 6.73 -4.44 -19.33
C ARG A 90 6.48 -5.79 -18.69
N VAL A 91 5.42 -5.85 -17.90
CA VAL A 91 5.04 -7.12 -17.27
C VAL A 91 3.72 -7.55 -17.85
N GLY A 92 3.52 -8.86 -17.94
CA GLY A 92 2.29 -9.33 -18.54
C GLY A 92 1.93 -10.75 -18.15
N LEU A 93 0.80 -11.18 -18.69
CA LEU A 93 0.37 -12.57 -18.64
C LEU A 93 0.22 -13.05 -20.06
N SER A 94 0.52 -14.31 -20.29
CA SER A 94 0.47 -14.89 -21.61
C SER A 94 -0.08 -16.29 -21.48
N ALA A 95 -0.70 -16.79 -22.53
CA ALA A 95 -1.21 -18.14 -22.49
C ALA A 95 -1.33 -18.62 -23.89
N SER A 96 -1.33 -19.93 -24.05
CA SER A 96 -1.50 -20.48 -25.38
C SER A 96 -2.22 -21.80 -25.29
N THR A 97 -2.67 -22.26 -26.44
CA THR A 97 -3.17 -23.61 -26.63
C THR A 97 -2.58 -24.07 -27.96
N GLY A 98 -2.72 -25.36 -28.23
CA GLY A 98 -2.07 -25.96 -29.38
C GLY A 98 -3.04 -26.95 -29.98
N LEU A 99 -2.61 -28.20 -30.14
CA LEU A 99 -3.55 -29.25 -30.57
C LEU A 99 -4.53 -29.50 -29.46
N TYR A 100 -4.06 -29.37 -28.23
CA TYR A 100 -4.93 -29.47 -27.07
C TYR A 100 -5.20 -28.07 -26.53
N LYS A 101 -6.22 -27.93 -25.71
CA LYS A 101 -6.67 -26.60 -25.37
C LYS A 101 -7.26 -26.58 -23.98
N GLU A 102 -7.47 -25.39 -23.46
CA GLU A 102 -7.97 -25.23 -22.11
C GLU A 102 -8.40 -23.78 -22.09
N THR A 103 -9.28 -23.41 -21.17
CA THR A 103 -9.52 -21.98 -20.99
C THR A 103 -8.34 -21.44 -20.20
N ASN A 104 -7.95 -20.22 -20.47
CA ASN A 104 -6.86 -19.61 -19.75
C ASN A 104 -7.39 -18.30 -19.21
N THR A 105 -8.24 -18.43 -18.21
CA THR A 105 -9.01 -17.31 -17.71
C THR A 105 -8.26 -16.72 -16.53
N ILE A 106 -8.09 -15.41 -16.55
CA ILE A 106 -7.50 -14.73 -15.41
C ILE A 106 -8.59 -13.97 -14.70
N LEU A 107 -8.72 -14.18 -13.39
CA LEU A 107 -9.80 -13.56 -12.64
C LEU A 107 -9.29 -12.33 -11.89
N SER A 108 -8.00 -12.30 -11.63
CA SER A 108 -7.42 -11.17 -10.91
C SER A 108 -5.92 -11.14 -11.15
N TRP A 109 -5.33 -9.96 -11.04
CA TRP A 109 -3.91 -9.82 -11.28
C TRP A 109 -3.44 -8.58 -10.58
N SER A 110 -2.39 -8.72 -9.77
CA SER A 110 -1.81 -7.57 -9.10
C SER A 110 -0.31 -7.64 -9.24
N PHE A 111 0.34 -6.49 -9.20
CA PHE A 111 1.77 -6.44 -9.36
C PHE A 111 2.24 -5.23 -8.58
N THR A 112 3.42 -5.38 -7.96
CA THR A 112 4.03 -4.27 -7.27
C THR A 112 5.51 -4.36 -7.53
N SER A 113 6.10 -3.23 -7.92
CA SER A 113 7.55 -3.16 -8.04
CA SER A 113 7.55 -3.14 -8.06
C SER A 113 8.05 -1.95 -7.28
N LYS A 114 9.22 -2.09 -6.67
CA LYS A 114 9.80 -1.00 -5.91
C LYS A 114 11.28 -0.95 -6.19
N LEU A 115 11.81 0.27 -6.21
CA LEU A 115 13.18 0.51 -6.63
C LEU A 115 13.71 1.65 -5.78
N LYS A 116 14.67 1.35 -4.91
CA LYS A 116 15.23 2.34 -4.00
CA LYS A 116 15.25 2.33 -4.00
C LYS A 116 16.63 2.77 -4.45
N SER A 117 16.78 4.06 -4.76
CA SER A 117 18.06 4.57 -5.26
C SER A 117 19.19 4.58 -4.24
N ASN A 118 20.40 4.31 -4.73
CA ASN A 118 21.59 4.34 -3.88
C ASN A 118 22.00 5.78 -3.59
N SER A 119 21.77 6.68 -4.54
CA SER A 119 22.10 8.08 -4.36
C SER A 119 21.23 8.74 -3.28
N THR A 120 19.91 8.59 -3.38
CA THR A 120 18.98 9.29 -2.51
C THR A 120 18.36 8.46 -1.39
N HIS A 121 18.42 7.13 -1.51
CA HIS A 121 17.73 6.24 -0.57
C HIS A 121 16.22 6.46 -0.56
N GLU A 122 15.69 7.05 -1.63
CA GLU A 122 14.24 7.14 -1.77
C GLU A 122 13.76 6.15 -2.81
N THR A 123 12.50 5.78 -2.71
CA THR A 123 11.94 4.66 -3.46
C THR A 123 10.95 5.13 -4.50
N ASN A 124 11.01 4.53 -5.70
CA ASN A 124 9.94 4.64 -6.66
C ASN A 124 9.12 3.37 -6.64
N ALA A 125 7.82 3.48 -6.89
CA ALA A 125 6.99 2.30 -6.75
C ALA A 125 5.92 2.28 -7.81
N LEU A 126 5.54 1.09 -8.24
CA LEU A 126 4.37 0.95 -9.08
C LEU A 126 3.56 -0.15 -8.49
N HIS A 127 2.26 0.06 -8.41
CA HIS A 127 1.38 -1.03 -8.04
C HIS A 127 0.09 -0.95 -8.83
N PHE A 128 -0.32 -2.10 -9.38
CA PHE A 128 -1.66 -2.19 -9.92
C PHE A 128 -2.38 -3.42 -9.43
N MET A 129 -3.70 -3.34 -9.40
CA MET A 129 -4.50 -4.46 -8.96
C MET A 129 -5.78 -4.51 -9.78
N PHE A 130 -6.00 -5.63 -10.44
CA PHE A 130 -7.24 -5.82 -11.15
C PHE A 130 -7.93 -6.97 -10.46
N ASN A 131 -9.07 -6.71 -9.83
CA ASN A 131 -9.84 -7.79 -9.26
C ASN A 131 -11.03 -8.06 -10.16
N GLN A 132 -11.17 -7.20 -11.15
CA GLN A 132 -12.00 -7.52 -12.28
C GLN A 132 -11.48 -6.80 -13.52
N PHE A 133 -11.85 -7.32 -14.67
CA PHE A 133 -11.41 -6.75 -15.93
C PHE A 133 -12.63 -6.25 -16.68
N SER A 134 -12.52 -5.08 -17.30
CA SER A 134 -13.65 -4.50 -18.01
C SER A 134 -13.46 -4.66 -19.49
N LYS A 135 -14.54 -4.47 -20.24
CA LYS A 135 -14.42 -4.37 -21.68
C LYS A 135 -13.58 -3.13 -22.00
N ASP A 136 -12.72 -3.22 -23.01
CA ASP A 136 -11.91 -2.07 -23.43
C ASP A 136 -11.10 -1.47 -22.28
N GLN A 137 -10.49 -2.36 -21.49
CA GLN A 137 -9.71 -1.93 -20.35
C GLN A 137 -8.41 -1.26 -20.77
N LYS A 138 -8.39 0.07 -20.71
CA LYS A 138 -7.35 0.85 -21.36
C LYS A 138 -5.94 0.80 -20.79
N ASP A 139 -5.77 0.21 -19.61
CA ASP A 139 -4.44 0.10 -19.01
C ASP A 139 -3.81 -1.28 -19.25
N LEU A 140 -4.44 -2.06 -20.10
CA LEU A 140 -3.86 -3.33 -20.55
C LEU A 140 -3.60 -3.26 -22.03
N ILE A 141 -2.44 -3.78 -22.43
CA ILE A 141 -2.20 -3.99 -23.85
C ILE A 141 -2.56 -5.43 -24.12
N LEU A 142 -3.65 -5.66 -24.87
CA LEU A 142 -4.05 -7.02 -25.23
C LEU A 142 -3.44 -7.38 -26.56
N GLN A 143 -2.89 -8.58 -26.65
CA GLN A 143 -2.20 -9.03 -27.84
C GLN A 143 -2.75 -10.38 -28.24
N GLY A 144 -2.77 -10.65 -29.55
CA GLY A 144 -3.26 -11.92 -30.03
C GLY A 144 -4.73 -12.11 -29.70
N ASP A 145 -5.05 -13.26 -29.11
CA ASP A 145 -6.44 -13.63 -28.88
C ASP A 145 -7.00 -13.14 -27.55
N ALA A 146 -6.20 -12.40 -26.79
CA ALA A 146 -6.63 -12.04 -25.44
C ALA A 146 -7.78 -11.05 -25.47
N THR A 147 -8.78 -11.28 -24.63
CA THR A 147 -9.93 -10.38 -24.55
C THR A 147 -10.33 -10.17 -23.09
N THR A 148 -11.07 -9.11 -22.83
CA THR A 148 -11.61 -8.86 -21.50
C THR A 148 -13.07 -8.51 -21.65
N GLY A 149 -13.85 -8.61 -20.58
CA GLY A 149 -15.19 -8.08 -20.58
C GLY A 149 -16.32 -9.08 -20.42
N THR A 150 -16.02 -10.36 -20.49
CA THR A 150 -17.03 -11.37 -20.16
C THR A 150 -16.80 -11.85 -18.74
N ASP A 151 -17.82 -11.68 -17.90
CA ASP A 151 -17.77 -12.09 -16.50
C ASP A 151 -16.74 -11.30 -15.71
N GLY A 152 -16.27 -10.18 -16.27
CA GLY A 152 -15.25 -9.39 -15.60
C GLY A 152 -13.91 -10.10 -15.60
N ASN A 153 -13.73 -11.05 -16.52
CA ASN A 153 -12.49 -11.80 -16.58
C ASN A 153 -11.63 -11.46 -17.77
N LEU A 154 -10.37 -11.88 -17.69
CA LEU A 154 -9.45 -11.76 -18.80
C LEU A 154 -9.28 -13.15 -19.41
N GLU A 155 -9.70 -13.31 -20.66
CA GLU A 155 -9.52 -14.58 -21.35
C GLU A 155 -8.29 -14.48 -22.23
N LEU A 156 -7.22 -15.15 -21.84
CA LEU A 156 -5.97 -14.94 -22.59
C LEU A 156 -6.06 -15.60 -23.95
N THR A 157 -6.73 -16.73 -24.02
CA THR A 157 -6.89 -17.42 -25.29
C THR A 157 -8.35 -17.55 -25.68
N ARG A 158 -8.57 -17.88 -26.95
CA ARG A 158 -9.92 -17.89 -27.52
C ARG A 158 -10.84 -18.88 -26.86
N VAL A 159 -12.04 -18.40 -26.52
CA VAL A 159 -13.10 -19.26 -26.05
C VAL A 159 -14.27 -19.01 -26.99
N SER A 160 -14.88 -20.08 -27.49
CA SER A 160 -15.96 -19.89 -28.45
C SER A 160 -17.24 -19.51 -27.72
N SER A 161 -18.29 -19.26 -28.48
CA SER A 161 -19.60 -18.91 -27.93
C SER A 161 -20.08 -19.90 -26.87
N ASN A 162 -19.96 -21.20 -27.16
CA ASN A 162 -20.44 -22.23 -26.23
C ASN A 162 -19.54 -22.44 -25.01
N GLY A 163 -18.52 -21.61 -24.87
CA GLY A 163 -17.62 -21.69 -23.74
C GLY A 163 -16.46 -22.65 -23.96
N SER A 164 -16.36 -23.21 -25.16
CA SER A 164 -15.31 -24.17 -25.45
C SER A 164 -14.03 -23.45 -25.80
N PRO A 165 -12.92 -23.84 -25.14
CA PRO A 165 -11.61 -23.28 -25.47
C PRO A 165 -11.21 -23.72 -26.87
N GLN A 166 -10.52 -22.86 -27.60
CA GLN A 166 -10.10 -23.19 -28.95
C GLN A 166 -8.63 -23.54 -28.98
N GLY A 167 -8.25 -24.42 -29.91
CA GLY A 167 -6.86 -24.79 -30.07
C GLY A 167 -6.08 -23.73 -30.79
N SER A 168 -4.74 -23.85 -30.78
CA SER A 168 -3.87 -22.96 -31.55
C SER A 168 -4.17 -21.48 -31.34
N SER A 169 -4.41 -21.15 -30.08
CA SER A 169 -4.69 -19.79 -29.70
C SER A 169 -3.53 -19.29 -28.87
N VAL A 170 -3.30 -17.99 -28.90
CA VAL A 170 -2.26 -17.40 -28.08
C VAL A 170 -2.69 -15.98 -27.80
N GLY A 171 -2.44 -15.51 -26.59
CA GLY A 171 -2.84 -14.15 -26.25
C GLY A 171 -2.12 -13.70 -25.02
N ARG A 172 -2.00 -12.39 -24.87
CA ARG A 172 -1.27 -11.83 -23.76
C ARG A 172 -1.92 -10.53 -23.36
N ALA A 173 -1.64 -10.14 -22.12
CA ALA A 173 -2.09 -8.86 -21.62
C ALA A 173 -0.89 -8.28 -20.93
N LEU A 174 -0.46 -7.11 -21.37
CA LEU A 174 0.64 -6.40 -20.72
C LEU A 174 0.13 -5.18 -20.00
N PHE A 175 0.69 -4.90 -18.82
CA PHE A 175 0.29 -3.65 -18.19
C PHE A 175 0.82 -2.48 -19.02
N TYR A 176 0.01 -1.42 -19.16
CA TYR A 176 0.35 -0.36 -20.10
C TYR A 176 1.65 0.35 -19.78
N ALA A 177 1.89 0.63 -18.50
CA ALA A 177 3.09 1.38 -18.12
C ALA A 177 4.33 0.51 -18.07
N PRO A 178 5.43 1.00 -18.65
CA PRO A 178 6.71 0.34 -18.45
C PRO A 178 7.06 0.34 -16.96
N VAL A 179 7.89 -0.61 -16.57
CA VAL A 179 8.27 -0.83 -15.18
C VAL A 179 9.76 -0.77 -15.07
N HIS A 180 10.25 -0.03 -14.10
CA HIS A 180 11.69 0.09 -13.91
C HIS A 180 12.04 -1.06 -12.98
N ILE A 181 12.49 -2.16 -13.56
CA ILE A 181 12.61 -3.42 -12.83
C ILE A 181 13.95 -3.55 -12.12
N TRP A 182 14.97 -2.86 -12.63
CA TRP A 182 16.26 -2.81 -11.97
C TRP A 182 16.98 -1.52 -12.33
N GLU A 183 17.91 -1.11 -11.48
CA GLU A 183 18.73 0.06 -11.75
C GLU A 183 20.03 -0.14 -10.99
N SER A 184 21.15 0.11 -11.65
CA SER A 184 22.47 -0.11 -11.06
C SER A 184 22.62 0.66 -9.74
N SER A 185 22.08 1.87 -9.72
CA SER A 185 22.20 2.74 -8.55
C SER A 185 21.02 2.62 -7.61
N ALA A 186 20.41 1.44 -7.56
CA ALA A 186 19.37 1.16 -6.57
C ALA A 186 19.94 0.35 -5.41
N VAL A 187 19.49 0.63 -4.19
CA VAL A 187 19.94 -0.11 -3.01
C VAL A 187 19.27 -1.47 -2.96
N VAL A 188 17.96 -1.47 -3.19
CA VAL A 188 17.21 -2.71 -3.20
C VAL A 188 16.07 -2.55 -4.18
N ALA A 189 15.85 -3.59 -4.97
CA ALA A 189 14.78 -3.56 -5.94
C ALA A 189 14.00 -4.83 -5.68
N SER A 190 12.69 -4.79 -5.89
CA SER A 190 11.88 -5.98 -5.68
C SER A 190 10.60 -5.91 -6.48
N PHE A 191 10.05 -7.07 -6.83
CA PHE A 191 8.69 -7.08 -7.33
C PHE A 191 7.95 -8.28 -6.85
N GLU A 192 6.65 -8.22 -6.97
CA GLU A 192 5.82 -9.37 -6.71
C GLU A 192 4.62 -9.28 -7.62
N ALA A 193 4.14 -10.43 -8.03
CA ALA A 193 2.95 -10.45 -8.86
C ALA A 193 2.11 -11.56 -8.32
N THR A 194 0.81 -11.35 -8.32
CA THR A 194 -0.11 -12.40 -7.93
C THR A 194 -1.19 -12.42 -8.99
N PHE A 195 -1.63 -13.60 -9.38
CA PHE A 195 -2.83 -13.67 -10.20
C PHE A 195 -3.63 -14.91 -9.89
N THR A 196 -4.92 -14.84 -10.12
CA THR A 196 -5.75 -16.03 -9.97
C THR A 196 -6.24 -16.43 -11.33
N PHE A 197 -6.36 -17.73 -11.53
CA PHE A 197 -6.61 -18.21 -12.87
C PHE A 197 -7.59 -19.37 -12.80
N LEU A 198 -8.26 -19.62 -13.91
CA LEU A 198 -9.18 -20.72 -13.99
C LEU A 198 -8.86 -21.42 -15.29
N ILE A 199 -8.24 -22.60 -15.19
CA ILE A 199 -7.92 -23.37 -16.38
C ILE A 199 -8.87 -24.54 -16.40
N LYS A 200 -9.71 -24.60 -17.44
CA LYS A 200 -10.66 -25.69 -17.56
C LYS A 200 -10.46 -26.38 -18.90
N SER A 201 -10.39 -27.70 -18.88
CA SER A 201 -10.32 -28.49 -20.10
C SER A 201 -11.40 -29.55 -20.00
N PRO A 202 -12.54 -29.31 -20.67
CA PRO A 202 -13.74 -30.14 -20.57
C PRO A 202 -13.50 -31.62 -20.90
N ASP A 203 -12.43 -31.91 -21.63
CA ASP A 203 -12.09 -33.28 -21.99
C ASP A 203 -10.88 -33.76 -21.20
N SER A 204 -10.52 -33.01 -20.16
CA SER A 204 -9.38 -33.33 -19.30
C SER A 204 -8.06 -33.48 -20.08
N HIS A 205 -7.96 -32.79 -21.21
CA HIS A 205 -6.75 -32.82 -22.02
C HIS A 205 -6.18 -31.42 -22.17
N PRO A 206 -5.71 -30.83 -21.07
CA PRO A 206 -5.36 -29.40 -21.13
C PRO A 206 -4.02 -29.10 -21.79
N ALA A 207 -3.97 -27.95 -22.45
CA ALA A 207 -2.74 -27.36 -22.95
C ALA A 207 -3.03 -25.88 -23.24
N ASP A 208 -2.01 -25.02 -23.19
CA ASP A 208 -0.63 -25.36 -22.90
C ASP A 208 -0.14 -24.75 -21.60
N GLY A 209 -0.82 -23.70 -21.16
CA GLY A 209 -0.52 -23.13 -19.87
C GLY A 209 -0.63 -21.62 -19.88
N ILE A 210 -0.26 -21.04 -18.74
CA ILE A 210 -0.29 -19.60 -18.54
C ILE A 210 1.05 -19.21 -17.97
N ALA A 211 1.60 -18.07 -18.40
CA ALA A 211 2.83 -17.54 -17.81
C ALA A 211 2.67 -16.10 -17.33
N PHE A 212 3.32 -15.77 -16.21
CA PHE A 212 3.54 -14.37 -15.92
C PHE A 212 4.89 -14.07 -16.53
N PHE A 213 5.01 -12.96 -17.25
CA PHE A 213 6.29 -12.70 -17.89
C PHE A 213 6.72 -11.25 -17.76
N ILE A 214 8.02 -11.06 -17.89
CA ILE A 214 8.58 -9.72 -17.91
C ILE A 214 9.39 -9.63 -19.18
N SER A 215 9.23 -8.54 -19.92
CA SER A 215 9.83 -8.48 -21.26
C SER A 215 10.32 -7.08 -21.58
N ASN A 216 11.04 -6.96 -22.70
CA ASN A 216 11.31 -5.65 -23.26
C ASN A 216 9.99 -4.95 -23.45
N ILE A 217 10.00 -3.63 -23.37
CA ILE A 217 8.78 -2.85 -23.40
CA ILE A 217 8.76 -2.89 -23.37
C ILE A 217 7.95 -3.10 -24.65
N ASP A 218 8.64 -3.25 -25.78
CA ASP A 218 7.97 -3.38 -27.08
C ASP A 218 7.68 -4.82 -27.45
N SER A 219 7.75 -5.71 -26.47
CA SER A 219 7.54 -7.12 -26.75
C SER A 219 6.17 -7.39 -27.37
N SER A 220 6.15 -8.25 -28.38
CA SER A 220 4.91 -8.70 -28.99
C SER A 220 4.99 -10.21 -29.02
N ILE A 221 3.85 -10.84 -29.23
CA ILE A 221 3.78 -12.29 -29.37
C ILE A 221 4.63 -12.72 -30.53
N PRO A 222 5.58 -13.62 -30.28
CA PRO A 222 6.36 -14.14 -31.42
C PRO A 222 5.44 -14.90 -32.34
N SER A 223 5.58 -14.62 -33.64
CA SER A 223 4.74 -15.28 -34.60
C SER A 223 4.94 -16.78 -34.46
N GLY A 224 3.83 -17.52 -34.43
CA GLY A 224 3.87 -18.97 -34.34
C GLY A 224 3.99 -19.52 -32.94
N SER A 225 4.02 -18.64 -31.94
CA SER A 225 4.23 -19.07 -30.56
C SER A 225 3.02 -19.66 -29.82
N THR A 226 2.13 -20.31 -30.55
CA THR A 226 1.09 -21.10 -29.92
C THR A 226 1.69 -22.36 -29.34
N GLY A 227 0.84 -23.21 -28.77
CA GLY A 227 1.33 -24.48 -28.28
C GLY A 227 2.38 -24.30 -27.19
N ARG A 228 3.46 -25.07 -27.28
CA ARG A 228 4.41 -25.20 -26.18
C ARG A 228 5.22 -23.95 -25.96
N LEU A 229 5.16 -23.02 -26.90
CA LEU A 229 5.93 -21.77 -26.81
C LEU A 229 5.29 -20.69 -25.95
N LEU A 230 4.04 -20.94 -25.53
CA LEU A 230 3.38 -20.16 -24.47
C LEU A 230 3.17 -18.68 -24.78
N GLY A 231 3.26 -18.33 -26.06
CA GLY A 231 3.18 -16.94 -26.47
C GLY A 231 4.40 -16.12 -26.11
N LEU A 232 5.49 -16.79 -25.77
CA LEU A 232 6.64 -16.09 -25.19
C LEU A 232 7.89 -16.19 -26.04
N PHE A 233 8.08 -17.33 -26.69
CA PHE A 233 9.33 -17.61 -27.36
C PHE A 233 9.09 -17.93 -28.83
N PRO A 234 10.02 -17.53 -29.69
CA PRO A 234 9.88 -17.77 -31.12
C PRO A 234 10.24 -19.20 -31.51
N ASP A 235 10.97 -19.89 -30.65
CA ASP A 235 11.39 -21.25 -30.90
C ASP A 235 11.62 -21.97 -29.60
N ALA A 236 11.98 -23.24 -29.67
CA ALA A 236 12.12 -24.03 -28.44
C ALA A 236 13.56 -24.15 -28.01
N ASN A 237 14.39 -23.18 -28.39
CA ASN A 237 15.80 -23.23 -28.05
C ASN A 237 16.00 -23.00 -26.56
N ALA B 1 -11.92 19.63 -28.28
CA ALA B 1 -10.81 19.93 -27.39
C ALA B 1 -10.61 18.82 -26.37
N ASP B 2 -9.48 18.83 -25.68
CA ASP B 2 -9.28 17.90 -24.58
C ASP B 2 -10.32 18.16 -23.50
N THR B 3 -10.45 17.21 -22.57
CA THR B 3 -11.27 17.45 -21.39
C THR B 3 -10.31 17.52 -20.22
N ILE B 4 -10.28 18.65 -19.52
CA ILE B 4 -9.35 18.83 -18.41
C ILE B 4 -10.04 19.13 -17.07
N VAL B 5 -9.67 18.37 -16.04
CA VAL B 5 -9.92 18.72 -14.65
C VAL B 5 -8.55 18.93 -14.03
N ALA B 6 -8.34 20.07 -13.37
CA ALA B 6 -7.00 20.36 -12.90
C ALA B 6 -7.05 21.07 -11.57
N VAL B 7 -5.99 20.89 -10.77
CA VAL B 7 -5.73 21.77 -9.65
C VAL B 7 -4.55 22.63 -10.05
N GLU B 8 -4.76 23.95 -10.11
CA GLU B 8 -3.67 24.84 -10.47
C GLU B 8 -3.07 25.49 -9.25
N LEU B 9 -1.74 25.57 -9.27
CA LEU B 9 -0.97 26.40 -8.35
C LEU B 9 -0.52 27.58 -9.21
N ASP B 10 -1.33 28.64 -9.22
CA ASP B 10 -1.19 29.75 -10.17
C ASP B 10 -0.36 30.86 -9.51
N THR B 11 0.86 31.05 -10.00
CA THR B 11 1.80 31.97 -9.38
C THR B 11 1.63 33.38 -9.94
N TYR B 12 0.86 33.50 -11.01
CA TYR B 12 0.79 34.76 -11.76
C TYR B 12 -0.63 35.23 -11.99
N PRO B 13 -0.97 36.39 -11.42
CA PRO B 13 -2.35 36.85 -11.58
C PRO B 13 -2.65 37.41 -12.97
N ASN B 14 -3.42 36.66 -13.74
CA ASN B 14 -3.97 37.14 -15.00
C ASN B 14 -5.37 37.69 -14.74
N THR B 15 -5.44 38.92 -14.25
CA THR B 15 -6.69 39.50 -13.79
C THR B 15 -7.72 39.70 -14.90
N ASP B 16 -7.25 39.77 -16.15
CA ASP B 16 -8.16 39.94 -17.27
C ASP B 16 -8.89 38.66 -17.64
N ILE B 17 -8.46 37.52 -17.08
CA ILE B 17 -9.14 36.26 -17.31
C ILE B 17 -9.62 35.60 -16.02
N GLY B 18 -9.93 36.42 -15.02
CA GLY B 18 -10.60 35.90 -13.84
C GLY B 18 -9.72 35.53 -12.67
N ASP B 19 -8.40 35.55 -12.84
CA ASP B 19 -7.52 35.34 -11.72
C ASP B 19 -7.75 36.43 -10.69
N PRO B 20 -7.65 36.08 -9.39
CA PRO B 20 -7.57 37.07 -8.31
C PRO B 20 -6.21 37.76 -8.37
N SER B 21 -6.03 38.84 -7.62
CA SER B 21 -4.84 39.66 -7.72
C SER B 21 -3.69 39.18 -6.84
N TYR B 22 -3.54 37.86 -6.75
CA TYR B 22 -2.48 37.28 -5.93
C TYR B 22 -2.28 35.85 -6.39
N PRO B 23 -1.11 35.27 -6.08
CA PRO B 23 -0.96 33.83 -6.33
C PRO B 23 -2.05 33.07 -5.60
N HIS B 24 -2.54 32.01 -6.23
CA HIS B 24 -3.72 31.37 -5.73
C HIS B 24 -3.66 29.92 -6.15
N ILE B 25 -4.36 29.08 -5.42
CA ILE B 25 -4.58 27.74 -5.90
C ILE B 25 -6.01 27.69 -6.40
N GLY B 26 -6.27 26.89 -7.42
CA GLY B 26 -7.60 26.83 -7.96
C GLY B 26 -8.01 25.46 -8.46
N ILE B 27 -9.33 25.27 -8.56
CA ILE B 27 -9.87 24.06 -9.16
C ILE B 27 -10.43 24.41 -10.52
N ASP B 28 -9.86 23.81 -11.55
CA ASP B 28 -10.25 24.10 -12.93
C ASP B 28 -11.05 22.98 -13.53
N ILE B 29 -12.29 23.27 -13.88
CA ILE B 29 -13.11 22.27 -14.52
C ILE B 29 -13.40 22.70 -15.96
N LYS B 30 -12.66 22.11 -16.90
CA LYS B 30 -12.84 22.38 -18.32
C LYS B 30 -12.66 23.87 -18.70
N SER B 31 -12.03 24.62 -17.81
CA SER B 31 -11.72 26.03 -18.09
C SER B 31 -10.57 26.51 -17.23
N VAL B 32 -9.73 27.38 -17.78
CA VAL B 32 -8.63 27.98 -17.02
C VAL B 32 -9.17 28.94 -15.97
N ARG B 33 -10.43 29.35 -16.13
CA ARG B 33 -11.04 30.23 -15.15
C ARG B 33 -11.59 29.34 -14.06
N SER B 34 -10.80 29.26 -12.99
CA SER B 34 -11.08 28.33 -11.91
C SER B 34 -12.49 28.48 -11.38
N LYS B 35 -13.11 27.36 -11.04
CA LYS B 35 -14.44 27.36 -10.46
C LYS B 35 -14.35 27.82 -9.02
N LYS B 36 -13.18 27.67 -8.43
CA LYS B 36 -12.95 28.06 -7.05
C LYS B 36 -11.47 28.32 -6.87
N THR B 37 -11.14 29.35 -6.10
CA THR B 37 -9.75 29.64 -5.82
C THR B 37 -9.57 29.91 -4.35
N ALA B 38 -8.32 29.80 -3.92
CA ALA B 38 -7.92 30.19 -2.59
C ALA B 38 -6.60 30.91 -2.69
N LYS B 39 -6.45 31.97 -1.90
CA LYS B 39 -5.17 32.63 -1.75
C LYS B 39 -4.06 31.67 -1.31
N TRP B 40 -2.92 31.82 -1.95
CA TRP B 40 -1.77 30.95 -1.77
C TRP B 40 -0.53 31.79 -1.59
N ASN B 41 0.01 31.75 -0.40
CA ASN B 41 1.22 32.49 -0.12
C ASN B 41 2.42 31.70 -0.58
N MET B 42 2.72 31.82 -1.87
CA MET B 42 3.81 31.07 -2.47
C MET B 42 5.11 31.52 -1.82
N GLN B 43 6.02 30.57 -1.61
CA GLN B 43 7.32 30.92 -1.09
C GLN B 43 8.39 30.60 -2.12
N ASN B 44 8.85 31.65 -2.79
CA ASN B 44 9.90 31.55 -3.80
C ASN B 44 11.14 30.81 -3.32
N GLY B 45 11.54 29.78 -4.05
CA GLY B 45 12.72 29.02 -3.70
C GLY B 45 12.57 28.00 -2.59
N LYS B 46 11.35 27.83 -2.07
CA LYS B 46 11.10 26.85 -1.02
C LYS B 46 10.35 25.63 -1.57
N VAL B 47 10.62 24.44 -1.05
CA VAL B 47 9.93 23.26 -1.54
C VAL B 47 8.57 23.15 -0.90
N GLY B 48 7.53 23.08 -1.72
CA GLY B 48 6.17 22.98 -1.24
C GLY B 48 5.58 21.63 -1.57
N THR B 49 4.41 21.35 -1.00
CA THR B 49 3.72 20.10 -1.26
C THR B 49 2.29 20.38 -1.63
N ALA B 50 1.79 19.67 -2.63
CA ALA B 50 0.40 19.75 -3.02
C ALA B 50 -0.22 18.40 -2.75
N HIS B 51 -1.39 18.38 -2.13
CA HIS B 51 -2.15 17.15 -1.95
C HIS B 51 -3.50 17.36 -2.60
N ILE B 52 -3.91 16.45 -3.47
CA ILE B 52 -5.19 16.55 -4.12
C ILE B 52 -5.98 15.31 -3.79
N ILE B 53 -7.24 15.46 -3.40
CA ILE B 53 -8.06 14.30 -3.08
C ILE B 53 -9.44 14.41 -3.70
N TYR B 54 -10.00 13.27 -4.08
CA TYR B 54 -11.37 13.20 -4.55
C TYR B 54 -11.98 11.84 -4.23
N ASN B 55 -13.24 11.82 -3.83
CA ASN B 55 -13.93 10.54 -3.79
C ASN B 55 -15.37 10.69 -4.25
N SER B 56 -15.92 9.61 -4.78
CA SER B 56 -17.22 9.64 -5.43
C SER B 56 -18.36 9.60 -4.43
N VAL B 57 -18.05 9.47 -3.15
CA VAL B 57 -19.09 9.54 -2.13
C VAL B 57 -19.46 11.00 -1.93
N ASP B 58 -18.47 11.81 -1.59
CA ASP B 58 -18.72 13.23 -1.39
C ASP B 58 -18.70 13.99 -2.71
N LYS B 59 -18.02 13.41 -3.70
CA LYS B 59 -17.89 14.05 -5.02
C LYS B 59 -17.36 15.46 -4.84
N ARG B 60 -16.24 15.55 -4.15
CA ARG B 60 -15.67 16.83 -3.82
C ARG B 60 -14.21 16.77 -4.14
N LEU B 61 -13.76 17.65 -5.04
CA LEU B 61 -12.34 17.71 -5.35
C LEU B 61 -11.69 18.73 -4.45
N SER B 62 -10.72 18.29 -3.68
CA SER B 62 -10.05 19.20 -2.76
C SER B 62 -8.56 19.17 -2.94
N ALA B 63 -7.94 20.29 -2.58
CA ALA B 63 -6.50 20.34 -2.65
C ALA B 63 -5.97 21.18 -1.54
N VAL B 64 -4.78 20.79 -1.07
CA VAL B 64 -4.11 21.56 -0.05
CA VAL B 64 -4.10 21.51 -0.02
C VAL B 64 -2.67 21.78 -0.49
N VAL B 65 -2.22 23.02 -0.40
CA VAL B 65 -0.86 23.34 -0.82
C VAL B 65 -0.16 23.96 0.38
N SER B 66 1.01 23.45 0.71
CA SER B 66 1.65 23.90 1.93
C SER B 66 3.14 23.87 1.86
N TYR B 67 3.76 24.67 2.74
CA TYR B 67 5.19 24.64 2.98
C TYR B 67 5.35 24.30 4.45
N PRO B 68 6.43 23.59 4.81
CA PRO B 68 6.72 23.25 6.20
C PRO B 68 6.65 24.48 7.09
N ASN B 69 6.04 24.35 8.27
CA ASN B 69 5.95 25.43 9.25
C ASN B 69 5.23 26.69 8.75
N ALA B 70 4.36 26.53 7.75
CA ALA B 70 3.52 27.62 7.28
C ALA B 70 2.07 27.15 7.20
N ASP B 71 1.13 28.09 7.27
CA ASP B 71 -0.27 27.75 7.09
C ASP B 71 -0.49 27.31 5.66
N SER B 72 -1.33 26.29 5.49
CA SER B 72 -1.59 25.76 4.17
C SER B 72 -2.67 26.57 3.47
N ALA B 73 -2.74 26.44 2.15
CA ALA B 73 -3.85 26.99 1.39
C ALA B 73 -4.71 25.80 1.02
N THR B 74 -6.03 25.96 1.05
CA THR B 74 -6.90 24.85 0.70
C THR B 74 -8.01 25.28 -0.23
N VAL B 75 -8.38 24.43 -1.16
CA VAL B 75 -9.49 24.76 -2.05
C VAL B 75 -10.30 23.50 -2.34
N SER B 76 -11.61 23.63 -2.36
CA SER B 76 -12.49 22.49 -2.60
C SER B 76 -13.63 22.92 -3.48
N TYR B 77 -14.10 21.99 -4.28
CA TYR B 77 -15.19 22.25 -5.21
C TYR B 77 -15.94 20.97 -5.39
N ASP B 78 -17.26 21.02 -5.24
CA ASP B 78 -18.07 19.86 -5.50
C ASP B 78 -18.20 19.68 -7.01
N VAL B 79 -17.81 18.51 -7.48
CA VAL B 79 -17.95 18.21 -8.91
C VAL B 79 -18.12 16.72 -9.04
N ASP B 80 -19.07 16.31 -9.89
CA ASP B 80 -19.29 14.90 -10.18
C ASP B 80 -18.46 14.54 -11.41
N LEU B 81 -17.29 13.96 -11.18
CA LEU B 81 -16.35 13.72 -12.27
C LEU B 81 -16.91 12.71 -13.28
N ASP B 82 -17.90 11.91 -12.84
CA ASP B 82 -18.66 11.03 -13.73
C ASP B 82 -19.24 11.79 -14.90
N ASN B 83 -19.59 13.06 -14.67
CA ASN B 83 -20.28 13.86 -15.67
C ASN B 83 -19.37 14.84 -16.40
N VAL B 84 -18.08 14.79 -16.10
CA VAL B 84 -17.13 15.72 -16.69
C VAL B 84 -16.05 14.95 -17.44
N LEU B 85 -15.49 13.93 -16.79
CA LEU B 85 -14.37 13.22 -17.39
C LEU B 85 -14.83 11.94 -18.09
N PRO B 86 -14.04 11.50 -19.07
CA PRO B 86 -14.26 10.17 -19.62
C PRO B 86 -13.90 9.14 -18.56
N GLU B 87 -14.39 7.91 -18.69
CA GLU B 87 -14.17 6.87 -17.69
C GLU B 87 -12.69 6.61 -17.53
N TRP B 88 -11.98 6.67 -18.65
CA TRP B 88 -10.55 6.46 -18.64
C TRP B 88 -9.83 7.76 -18.96
N VAL B 89 -8.80 8.04 -18.17
CA VAL B 89 -8.11 9.30 -18.26
C VAL B 89 -6.62 9.02 -18.17
N ARG B 90 -5.81 10.05 -18.40
CA ARG B 90 -4.44 10.02 -17.94
C ARG B 90 -4.35 11.13 -16.91
N VAL B 91 -3.42 10.97 -16.00
CA VAL B 91 -3.13 11.99 -15.02
C VAL B 91 -1.73 12.52 -15.27
N GLY B 92 -1.54 13.78 -14.92
CA GLY B 92 -0.27 14.42 -15.19
C GLY B 92 -0.01 15.67 -14.41
N LEU B 93 1.18 16.21 -14.62
CA LEU B 93 1.57 17.50 -14.07
C LEU B 93 1.90 18.40 -15.24
N SER B 94 1.49 19.66 -15.14
CA SER B 94 1.73 20.60 -16.22
C SER B 94 2.27 21.88 -15.65
N ALA B 95 3.00 22.62 -16.46
CA ALA B 95 3.48 23.92 -16.01
C ALA B 95 3.85 24.74 -17.20
N SER B 96 3.92 26.05 -16.99
CA SER B 96 4.18 26.93 -18.10
C SER B 96 4.86 28.17 -17.58
N THR B 97 5.48 28.89 -18.51
CA THR B 97 5.98 30.23 -18.24
C THR B 97 5.56 31.06 -19.44
N GLY B 98 5.67 32.37 -19.31
CA GLY B 98 5.25 33.25 -20.39
C GLY B 98 6.26 34.36 -20.55
N LEU B 99 5.81 35.60 -20.44
CA LEU B 99 6.76 36.71 -20.38
C LEU B 99 7.61 36.55 -19.14
N TYR B 100 6.96 36.18 -18.04
CA TYR B 100 7.66 35.93 -16.80
C TYR B 100 7.85 34.43 -16.58
N LYS B 101 8.77 34.09 -15.71
CA LYS B 101 9.19 32.68 -15.58
C LYS B 101 9.55 32.27 -14.16
N GLU B 102 9.74 30.97 -13.99
CA GLU B 102 10.01 30.38 -12.69
C GLU B 102 10.43 28.97 -12.99
N THR B 103 11.19 28.35 -12.10
CA THR B 103 11.44 26.92 -12.27
C THR B 103 10.13 26.22 -11.95
N ASN B 104 9.81 25.17 -12.69
CA ASN B 104 8.64 24.37 -12.35
C ASN B 104 9.10 22.96 -12.07
N THR B 105 9.82 22.83 -10.97
CA THR B 105 10.58 21.64 -10.68
C THR B 105 9.73 20.78 -9.78
N ILE B 106 9.58 19.52 -10.18
CA ILE B 106 8.86 18.53 -9.40
C ILE B 106 9.87 17.58 -8.80
N LEU B 107 9.87 17.45 -7.47
CA LEU B 107 10.85 16.61 -6.80
C LEU B 107 10.26 15.25 -6.49
N SER B 108 8.94 15.17 -6.43
CA SER B 108 8.29 13.90 -6.17
C SER B 108 6.84 13.98 -6.59
N TRP B 109 6.26 12.83 -6.92
CA TRP B 109 4.88 12.82 -7.36
C TRP B 109 4.34 11.44 -7.10
N SER B 110 3.21 11.36 -6.38
CA SER B 110 2.60 10.06 -6.18
C SER B 110 1.10 10.16 -6.47
N PHE B 111 0.50 9.04 -6.81
CA PHE B 111 -0.92 9.03 -7.17
C PHE B 111 -1.46 7.67 -6.83
N THR B 112 -2.69 7.64 -6.33
CA THR B 112 -3.35 6.37 -6.12
C THR B 112 -4.78 6.53 -6.53
N SER B 113 -5.30 5.61 -7.33
CA SER B 113 -6.72 5.61 -7.64
CA SER B 113 -6.73 5.60 -7.62
C SER B 113 -7.30 4.24 -7.32
N LYS B 114 -8.53 4.22 -6.85
CA LYS B 114 -9.19 2.97 -6.52
C LYS B 114 -10.63 3.00 -6.97
N LEU B 115 -11.10 1.86 -7.48
CA LEU B 115 -12.41 1.75 -8.09
C LEU B 115 -13.05 0.42 -7.65
N LYS B 116 -14.19 0.51 -6.97
CA LYS B 116 -14.78 -0.67 -6.33
C LYS B 116 -16.12 -1.06 -6.93
N SER B 117 -16.13 -2.18 -7.65
CA SER B 117 -17.33 -2.69 -8.33
C SER B 117 -18.53 -2.81 -7.41
N ASN B 118 -19.72 -2.49 -7.91
CA ASN B 118 -20.94 -2.69 -7.12
C ASN B 118 -21.52 -4.07 -7.35
N SER B 119 -21.13 -4.70 -8.46
CA SER B 119 -21.61 -6.05 -8.77
C SER B 119 -20.79 -7.11 -8.05
N THR B 120 -19.63 -6.70 -7.53
CA THR B 120 -18.64 -7.66 -7.03
C THR B 120 -18.02 -7.19 -5.72
N HIS B 121 -18.06 -5.88 -5.47
CA HIS B 121 -17.46 -5.28 -4.28
C HIS B 121 -15.95 -5.52 -4.20
N GLU B 122 -15.36 -5.80 -5.36
CA GLU B 122 -13.93 -5.94 -5.48
C GLU B 122 -13.32 -4.66 -6.05
N THR B 123 -12.07 -4.40 -5.66
CA THR B 123 -11.42 -3.14 -5.97
C THR B 123 -10.32 -3.29 -7.01
N ASN B 124 -10.31 -2.38 -8.00
CA ASN B 124 -9.14 -2.19 -8.82
C ASN B 124 -8.37 -0.98 -8.31
N ALA B 125 -7.06 -1.00 -8.48
CA ALA B 125 -6.25 0.05 -7.92
C ALA B 125 -5.05 0.33 -8.79
N LEU B 126 -4.64 1.59 -8.85
CA LEU B 126 -3.39 1.96 -9.47
C LEU B 126 -2.65 2.84 -8.50
N HIS B 127 -1.38 2.57 -8.27
CA HIS B 127 -0.59 3.49 -7.48
C HIS B 127 0.76 3.64 -8.12
N PHE B 128 1.26 4.86 -8.18
CA PHE B 128 2.65 5.03 -8.56
C PHE B 128 3.24 6.07 -7.64
N MET B 129 4.54 5.96 -7.44
CA MET B 129 5.24 6.89 -6.57
C MET B 129 6.58 7.19 -7.19
N PHE B 130 6.82 8.47 -7.45
CA PHE B 130 8.14 8.91 -7.92
C PHE B 130 8.74 9.78 -6.85
N ASN B 131 9.86 9.34 -6.28
CA ASN B 131 10.57 10.17 -5.31
C ASN B 131 11.89 10.62 -5.91
N GLN B 132 12.15 10.14 -7.12
CA GLN B 132 13.18 10.72 -7.98
C GLN B 132 12.81 10.39 -9.42
N PHE B 133 13.41 11.13 -10.34
CA PHE B 133 13.15 10.94 -11.76
C PHE B 133 14.46 10.69 -12.47
N SER B 134 14.48 9.71 -13.37
CA SER B 134 15.72 9.36 -14.07
C SER B 134 15.72 9.97 -15.45
N LYS B 135 16.89 10.02 -16.08
CA LYS B 135 17.06 10.62 -17.39
C LYS B 135 16.16 9.96 -18.43
N ASP B 136 15.90 8.66 -18.24
CA ASP B 136 15.04 7.96 -19.18
C ASP B 136 13.85 7.33 -18.45
N GLN B 137 12.96 8.19 -17.94
CA GLN B 137 11.85 7.73 -17.10
C GLN B 137 10.70 7.24 -17.99
N LYS B 138 10.76 5.96 -18.37
CA LYS B 138 9.88 5.45 -19.41
C LYS B 138 8.41 5.29 -19.04
N ASP B 139 8.07 5.41 -17.76
CA ASP B 139 6.66 5.37 -17.37
C ASP B 139 6.07 6.78 -17.33
N LEU B 140 6.81 7.76 -17.81
CA LEU B 140 6.25 9.09 -18.00
C LEU B 140 6.19 9.44 -19.46
N ILE B 141 5.06 10.03 -19.86
CA ILE B 141 4.98 10.67 -21.16
C ILE B 141 5.35 12.12 -20.92
N LEU B 142 6.51 12.52 -21.43
CA LEU B 142 6.91 13.92 -21.36
C LEU B 142 6.43 14.67 -22.60
N GLN B 143 5.81 15.81 -22.40
CA GLN B 143 5.32 16.63 -23.50
C GLN B 143 5.93 18.00 -23.42
N GLY B 144 6.11 18.63 -24.57
CA GLY B 144 6.68 19.96 -24.64
C GLY B 144 8.08 20.00 -24.06
N ASP B 145 8.27 20.94 -23.15
CA ASP B 145 9.59 21.20 -22.58
C ASP B 145 9.98 20.35 -21.38
N ALA B 146 9.12 19.42 -20.96
CA ALA B 146 9.42 18.65 -19.76
C ALA B 146 10.61 17.73 -19.98
N THR B 147 11.50 17.70 -19.00
CA THR B 147 12.65 16.81 -19.01
C THR B 147 12.79 16.16 -17.65
N THR B 148 13.47 15.03 -17.60
CA THR B 148 13.78 14.39 -16.32
C THR B 148 15.27 14.16 -16.21
N GLY B 149 15.76 13.99 -14.98
CA GLY B 149 17.13 13.54 -14.78
C GLY B 149 18.12 14.52 -14.16
N THR B 150 17.93 15.81 -14.35
CA THR B 150 18.81 16.78 -13.71
C THR B 150 18.49 16.88 -12.22
N ASP B 151 19.47 16.53 -11.39
CA ASP B 151 19.32 16.44 -9.93
C ASP B 151 18.25 15.42 -9.53
N GLY B 152 17.92 14.51 -10.45
CA GLY B 152 16.89 13.52 -10.18
C GLY B 152 15.50 14.12 -10.13
N ASN B 153 15.36 15.32 -10.69
CA ASN B 153 14.05 15.99 -10.66
C ASN B 153 13.36 15.99 -12.01
N LEU B 154 12.08 16.31 -12.00
CA LEU B 154 11.33 16.50 -13.23
C LEU B 154 11.21 18.01 -13.43
N GLU B 155 11.76 18.54 -14.53
CA GLU B 155 11.64 19.98 -14.81
C GLU B 155 10.55 20.16 -15.82
N LEU B 156 9.40 20.67 -15.40
CA LEU B 156 8.28 20.73 -16.32
C LEU B 156 8.53 21.77 -17.41
N THR B 157 9.21 22.87 -17.07
CA THR B 157 9.47 23.89 -18.09
C THR B 157 10.97 24.09 -18.20
N ARG B 158 11.38 24.76 -19.25
CA ARG B 158 12.78 24.83 -19.60
C ARG B 158 13.61 25.60 -18.57
N VAL B 159 14.76 25.04 -18.22
CA VAL B 159 15.70 25.73 -17.36
C VAL B 159 17.06 25.67 -18.02
N SER B 160 17.93 26.61 -17.69
CA SER B 160 19.27 26.60 -18.25
C SER B 160 20.12 25.58 -17.49
N SER B 161 21.38 25.45 -17.88
CA SER B 161 22.26 24.47 -17.25
C SER B 161 22.57 24.79 -15.79
N ASN B 162 22.31 26.03 -15.37
CA ASN B 162 22.52 26.43 -13.99
C ASN B 162 21.23 26.51 -13.19
N GLY B 163 20.11 26.23 -13.86
CA GLY B 163 18.81 26.24 -13.21
C GLY B 163 18.01 27.51 -13.43
N SER B 164 18.49 28.37 -14.33
CA SER B 164 17.78 29.61 -14.64
C SER B 164 16.55 29.32 -15.49
N PRO B 165 15.36 29.69 -14.99
CA PRO B 165 14.12 29.38 -15.72
C PRO B 165 13.94 30.25 -16.95
N GLN B 166 13.36 29.67 -18.00
CA GLN B 166 13.16 30.38 -19.26
C GLN B 166 11.69 30.74 -19.49
N GLY B 167 11.46 31.87 -20.14
CA GLY B 167 10.11 32.29 -20.47
C GLY B 167 9.58 31.48 -21.62
N SER B 168 8.31 31.70 -21.97
CA SER B 168 7.68 31.06 -23.12
C SER B 168 7.86 29.55 -23.15
N SER B 169 7.64 28.91 -22.01
CA SER B 169 7.87 27.47 -21.93
C SER B 169 6.60 26.77 -21.50
N VAL B 170 6.47 25.51 -21.88
CA VAL B 170 5.33 24.73 -21.44
C VAL B 170 5.71 23.28 -21.53
N GLY B 171 5.35 22.53 -20.50
CA GLY B 171 5.73 21.13 -20.50
C GLY B 171 4.88 20.34 -19.53
N ARG B 172 4.73 19.05 -19.83
CA ARG B 172 3.84 18.20 -19.05
C ARG B 172 4.46 16.84 -18.89
N ALA B 173 4.07 16.16 -17.83
CA ALA B 173 4.46 14.78 -17.64
C ALA B 173 3.19 14.03 -17.31
N LEU B 174 2.87 13.01 -18.10
CA LEU B 174 1.68 12.21 -17.84
C LEU B 174 2.11 10.82 -17.44
N PHE B 175 1.45 10.22 -16.46
CA PHE B 175 1.77 8.84 -16.17
C PHE B 175 1.36 7.98 -17.35
N TYR B 176 2.18 6.97 -17.64
CA TYR B 176 2.03 6.24 -18.89
C TYR B 176 0.70 5.50 -19.01
N ALA B 177 0.27 4.85 -17.92
CA ALA B 177 -0.94 4.04 -17.96
C ALA B 177 -2.18 4.90 -17.74
N PRO B 178 -3.20 4.67 -18.56
CA PRO B 178 -4.51 5.26 -18.32
C PRO B 178 -5.04 4.80 -16.97
N VAL B 179 -5.88 5.65 -16.41
CA VAL B 179 -6.47 5.41 -15.11
C VAL B 179 -7.96 5.28 -15.25
N HIS B 180 -8.56 4.28 -14.61
CA HIS B 180 -10.01 4.13 -14.68
C HIS B 180 -10.57 4.96 -13.56
N ILE B 181 -10.92 6.20 -13.87
CA ILE B 181 -11.17 7.20 -12.84
C ILE B 181 -12.59 7.14 -12.27
N TRP B 182 -13.53 6.69 -13.08
CA TRP B 182 -14.88 6.42 -12.57
C TRP B 182 -15.53 5.31 -13.38
N GLU B 183 -16.51 4.68 -12.76
CA GLU B 183 -17.28 3.63 -13.40
C GLU B 183 -18.61 3.62 -12.68
N SER B 184 -19.69 3.74 -13.44
CA SER B 184 -21.05 3.77 -12.87
C SER B 184 -21.32 2.55 -12.01
N SER B 185 -20.70 1.43 -12.37
CA SER B 185 -20.85 0.18 -11.64
C SER B 185 -20.04 0.12 -10.34
N ALA B 186 -19.37 1.21 -10.00
CA ALA B 186 -18.53 1.23 -8.80
C ALA B 186 -19.20 1.81 -7.55
N VAL B 187 -19.05 1.12 -6.42
CA VAL B 187 -19.60 1.57 -5.13
C VAL B 187 -18.94 2.86 -4.67
N VAL B 188 -17.61 2.87 -4.70
CA VAL B 188 -16.84 4.05 -4.34
C VAL B 188 -15.67 4.15 -5.29
N ALA B 189 -15.38 5.37 -5.70
CA ALA B 189 -14.25 5.64 -6.57
C ALA B 189 -13.50 6.75 -5.88
N SER B 190 -12.17 6.65 -5.83
CA SER B 190 -11.42 7.71 -5.16
C SER B 190 -10.03 7.79 -5.73
N PHE B 191 -9.43 8.97 -5.60
CA PHE B 191 -8.03 9.09 -5.93
C PHE B 191 -7.38 10.14 -5.07
N GLU B 192 -6.07 10.09 -5.00
CA GLU B 192 -5.30 11.09 -4.33
C GLU B 192 -4.00 11.27 -5.09
N ALA B 193 -3.51 12.50 -5.09
CA ALA B 193 -2.24 12.81 -5.70
C ALA B 193 -1.46 13.67 -4.73
N THR B 194 -0.16 13.47 -4.68
CA THR B 194 0.68 14.36 -3.93
C THR B 194 1.87 14.67 -4.81
N PHE B 195 2.31 15.91 -4.80
CA PHE B 195 3.60 16.18 -5.41
C PHE B 195 4.31 17.26 -4.64
N THR B 196 5.63 17.25 -4.72
CA THR B 196 6.43 18.30 -4.11
C THR B 196 7.10 19.05 -5.21
N PHE B 197 7.22 20.36 -5.03
CA PHE B 197 7.62 21.20 -6.15
C PHE B 197 8.54 22.28 -5.64
N LEU B 198 9.38 22.79 -6.54
CA LEU B 198 10.28 23.88 -6.21
C LEU B 198 10.10 24.95 -7.27
N ILE B 199 9.37 26.00 -6.91
CA ILE B 199 9.19 27.13 -7.82
C ILE B 199 10.13 28.23 -7.40
N LYS B 200 11.04 28.59 -8.30
CA LYS B 200 12.06 29.57 -7.98
C LYS B 200 12.10 30.58 -9.11
N SER B 201 12.08 31.84 -8.74
CA SER B 201 12.22 32.92 -9.70
C SER B 201 13.23 33.90 -9.13
N PRO B 202 14.45 33.89 -9.69
CA PRO B 202 15.57 34.73 -9.24
C PRO B 202 15.21 36.22 -9.16
N ASP B 203 14.34 36.68 -10.04
CA ASP B 203 13.95 38.09 -10.06
C ASP B 203 12.72 38.35 -9.21
N SER B 204 12.24 37.32 -8.53
CA SER B 204 11.03 37.41 -7.73
C SER B 204 9.82 37.83 -8.57
N HIS B 205 9.84 37.44 -9.85
CA HIS B 205 8.75 37.72 -10.76
C HIS B 205 8.17 36.43 -11.34
N PRO B 206 7.67 35.53 -10.48
CA PRO B 206 7.34 34.21 -11.02
C PRO B 206 6.08 34.14 -11.88
N ALA B 207 6.10 33.25 -12.86
CA ALA B 207 4.94 32.92 -13.68
C ALA B 207 5.34 31.58 -14.31
N ASP B 208 4.38 30.72 -14.67
CA ASP B 208 2.95 30.96 -14.54
C ASP B 208 2.25 30.04 -13.56
N GLY B 209 2.85 28.86 -13.34
CA GLY B 209 2.34 27.97 -12.31
C GLY B 209 2.45 26.52 -12.68
N ILE B 210 1.93 25.68 -11.80
CA ILE B 210 1.98 24.24 -12.00
C ILE B 210 0.58 23.70 -11.76
N ALA B 211 0.20 22.67 -12.51
CA ALA B 211 -1.12 22.07 -12.33
C ALA B 211 -0.98 20.56 -12.28
N PHE B 212 -1.72 19.94 -11.36
CA PHE B 212 -2.02 18.52 -11.50
C PHE B 212 -3.30 18.40 -12.30
N PHE B 213 -3.33 17.54 -13.31
CA PHE B 213 -4.50 17.51 -14.19
C PHE B 213 -4.90 16.10 -14.54
N ILE B 214 -6.18 15.97 -14.85
CA ILE B 214 -6.71 14.69 -15.26
C ILE B 214 -7.34 14.96 -16.61
N SER B 215 -7.03 14.11 -17.61
CA SER B 215 -7.42 14.44 -18.99
C SER B 215 -7.85 13.22 -19.77
N ASN B 216 -8.45 13.42 -20.95
CA ASN B 216 -8.64 12.29 -21.85
C ASN B 216 -7.28 11.65 -22.08
N ILE B 217 -7.25 10.35 -22.38
CA ILE B 217 -5.98 9.65 -22.40
C ILE B 217 -5.03 10.22 -23.44
N ASP B 218 -5.58 10.74 -24.53
CA ASP B 218 -4.74 11.17 -25.65
C ASP B 218 -4.44 12.65 -25.60
N SER B 219 -4.51 13.22 -24.40
CA SER B 219 -4.38 14.67 -24.24
C SER B 219 -2.97 15.12 -24.56
N SER B 220 -2.87 16.29 -25.19
CA SER B 220 -1.58 16.88 -25.50
CA SER B 220 -1.58 16.88 -25.51
C SER B 220 -1.62 18.35 -25.11
N ILE B 221 -0.45 18.97 -25.02
CA ILE B 221 -0.37 20.42 -24.76
C ILE B 221 -1.13 21.12 -25.88
N PRO B 222 -2.15 21.92 -25.53
CA PRO B 222 -2.85 22.63 -26.60
C PRO B 222 -1.94 23.63 -27.26
N SER B 223 -2.11 23.79 -28.57
CA SER B 223 -1.31 24.76 -29.30
C SER B 223 -1.38 26.12 -28.63
N GLY B 224 -0.22 26.71 -28.38
CA GLY B 224 -0.13 28.07 -27.89
C GLY B 224 -0.26 28.21 -26.39
N SER B 225 -0.38 27.08 -25.68
CA SER B 225 -0.81 27.17 -24.28
C SER B 225 0.34 27.40 -23.29
N THR B 226 1.26 28.29 -23.65
CA THR B 226 2.26 28.74 -22.70
C THR B 226 1.58 29.76 -21.84
N GLY B 227 2.31 30.35 -20.92
CA GLY B 227 1.80 31.45 -20.13
C GLY B 227 0.58 31.08 -19.32
N ARG B 228 -0.42 31.95 -19.34
CA ARG B 228 -1.56 31.84 -18.43
C ARG B 228 -2.41 30.57 -18.62
N LEU B 229 -2.22 29.86 -19.73
CA LEU B 229 -3.06 28.69 -19.98
C LEU B 229 -2.47 27.41 -19.41
N LEU B 230 -1.29 27.52 -18.80
CA LEU B 230 -0.71 26.46 -17.99
C LEU B 230 -0.54 25.14 -18.73
N GLY B 231 -0.46 25.18 -20.06
CA GLY B 231 -0.32 23.94 -20.82
C GLY B 231 -1.55 23.06 -20.81
N LEU B 232 -2.66 23.61 -20.34
CA LEU B 232 -3.86 22.81 -20.12
C LEU B 232 -4.99 23.13 -21.08
N PHE B 233 -5.11 24.40 -21.47
CA PHE B 233 -6.28 24.85 -22.22
C PHE B 233 -5.89 25.53 -23.51
N PRO B 234 -6.77 25.46 -24.52
CA PRO B 234 -6.49 26.03 -25.84
C PRO B 234 -6.82 27.52 -25.88
N ASP B 235 -7.61 27.96 -24.92
CA ASP B 235 -8.00 29.37 -24.84
C ASP B 235 -8.38 29.71 -23.42
N ALA B 236 -8.78 30.96 -23.19
CA ALA B 236 -9.08 31.40 -21.83
C ALA B 236 -10.57 31.46 -21.54
N ASN B 237 -11.37 30.73 -22.32
CA ASN B 237 -12.81 30.67 -22.10
C ASN B 237 -13.20 30.04 -20.78
N ALA C 1 13.44 -17.64 28.99
CA ALA C 1 13.96 -16.41 28.42
C ALA C 1 13.16 -16.04 27.18
N ASP C 2 13.31 -14.80 26.72
CA ASP C 2 12.66 -14.37 25.48
C ASP C 2 13.15 -15.22 24.30
N THR C 3 12.38 -15.23 23.22
CA THR C 3 12.84 -15.80 21.97
C THR C 3 13.09 -14.66 20.99
N ILE C 4 14.31 -14.55 20.50
CA ILE C 4 14.70 -13.39 19.71
C ILE C 4 15.31 -13.75 18.36
N VAL C 5 14.77 -13.13 17.31
CA VAL C 5 15.39 -13.15 16.00
C VAL C 5 15.68 -11.70 15.68
N ALA C 6 16.91 -11.40 15.26
CA ALA C 6 17.30 -10.01 15.06
C ALA C 6 18.31 -9.81 13.97
N VAL C 7 18.28 -8.62 13.40
CA VAL C 7 19.32 -8.17 12.52
C VAL C 7 20.06 -7.10 13.30
N GLU C 8 21.32 -7.35 13.58
CA GLU C 8 22.11 -6.37 14.33
C GLU C 8 22.98 -5.52 13.42
N LEU C 9 22.97 -4.21 13.72
CA LEU C 9 23.96 -3.30 13.17
C LEU C 9 24.96 -3.13 14.30
N ASP C 10 26.01 -3.92 14.27
CA ASP C 10 26.90 -4.02 15.43
C ASP C 10 28.14 -3.16 15.18
N THR C 11 28.24 -2.07 15.93
CA THR C 11 29.30 -1.10 15.74
C THR C 11 30.55 -1.45 16.53
N TYR C 12 30.43 -2.36 17.50
CA TYR C 12 31.56 -2.66 18.38
C TYR C 12 31.98 -4.13 18.35
N PRO C 13 33.22 -4.38 17.90
CA PRO C 13 33.70 -5.76 17.79
C PRO C 13 33.99 -6.38 19.14
N ASN C 14 33.14 -7.33 19.53
CA ASN C 14 33.38 -8.13 20.72
C ASN C 14 33.96 -9.47 20.28
N THR C 15 35.28 -9.51 20.11
CA THR C 15 35.93 -10.66 19.50
C THR C 15 35.89 -11.89 20.39
N ASP C 16 35.82 -11.67 21.70
CA ASP C 16 35.75 -12.78 22.65
C ASP C 16 34.43 -13.54 22.57
N ILE C 17 33.43 -12.98 21.91
CA ILE C 17 32.17 -13.69 21.66
C ILE C 17 31.86 -13.85 20.18
N GLY C 18 32.88 -13.81 19.33
CA GLY C 18 32.69 -14.18 17.94
C GLY C 18 32.37 -13.07 16.96
N ASP C 19 32.36 -11.81 17.41
CA ASP C 19 32.26 -10.70 16.48
C ASP C 19 33.52 -10.71 15.64
N PRO C 20 33.38 -10.39 14.36
CA PRO C 20 34.58 -10.13 13.56
C PRO C 20 35.21 -8.82 14.03
N SER C 21 36.45 -8.56 13.61
CA SER C 21 37.21 -7.42 14.11
C SER C 21 36.90 -6.12 13.39
N TYR C 22 35.62 -5.93 13.09
CA TYR C 22 35.18 -4.73 12.41
C TYR C 22 33.68 -4.56 12.68
N PRO C 23 33.19 -3.33 12.58
CA PRO C 23 31.73 -3.15 12.63
C PRO C 23 31.12 -4.06 11.57
N HIS C 24 29.93 -4.57 11.85
CA HIS C 24 29.37 -5.56 10.95
C HIS C 24 27.88 -5.55 11.10
N ILE C 25 27.20 -6.14 10.13
CA ILE C 25 25.80 -6.46 10.31
C ILE C 25 25.73 -7.96 10.49
N GLY C 26 24.69 -8.41 11.18
CA GLY C 26 24.56 -9.81 11.48
C GLY C 26 23.13 -10.27 11.60
N ILE C 27 22.92 -11.55 11.37
CA ILE C 27 21.63 -12.17 11.61
C ILE C 27 21.70 -12.96 12.89
N ASP C 28 20.92 -12.56 13.88
CA ASP C 28 20.97 -13.23 15.17
C ASP C 28 19.76 -14.09 15.37
N ILE C 29 19.99 -15.39 15.51
CA ILE C 29 18.89 -16.30 15.79
C ILE C 29 19.05 -16.88 17.18
N LYS C 30 18.31 -16.31 18.13
CA LYS C 30 18.29 -16.78 19.53
C LYS C 30 19.66 -16.74 20.18
N SER C 31 20.56 -15.95 19.63
CA SER C 31 21.88 -15.78 20.21
C SER C 31 22.50 -14.50 19.71
N VAL C 32 23.27 -13.83 20.57
CA VAL C 32 23.97 -12.62 20.13
C VAL C 32 25.11 -13.00 19.21
N ARG C 33 25.50 -14.28 19.24
CA ARG C 33 26.54 -14.74 18.35
C ARG C 33 25.89 -15.01 16.99
N SER C 34 26.02 -14.04 16.09
CA SER C 34 25.32 -14.06 14.81
C SER C 34 25.60 -15.32 14.02
N LYS C 35 24.57 -15.86 13.38
CA LYS C 35 24.69 -17.03 12.53
C LYS C 35 25.37 -16.67 11.21
N LYS C 36 25.28 -15.40 10.85
CA LYS C 36 25.95 -14.91 9.65
C LYS C 36 26.23 -13.42 9.82
N THR C 37 27.41 -12.98 9.38
CA THR C 37 27.74 -11.57 9.43
C THR C 37 28.32 -11.09 8.11
N ALA C 38 28.40 -9.78 7.99
CA ALA C 38 29.04 -9.13 6.85
C ALA C 38 29.66 -7.84 7.35
N LYS C 39 30.86 -7.52 6.85
CA LYS C 39 31.49 -6.26 7.18
C LYS C 39 30.57 -5.10 6.87
N TRP C 40 30.62 -4.09 7.74
CA TRP C 40 29.81 -2.91 7.53
C TRP C 40 30.70 -1.70 7.74
N ASN C 41 30.76 -0.86 6.72
CA ASN C 41 31.51 0.37 6.84
C ASN C 41 30.64 1.48 7.42
N MET C 42 30.45 1.37 8.74
CA MET C 42 29.68 2.33 9.51
C MET C 42 30.24 3.72 9.27
N GLN C 43 29.35 4.69 9.10
CA GLN C 43 29.79 6.07 8.90
C GLN C 43 29.27 6.94 10.01
N ASN C 44 30.14 7.15 11.00
CA ASN C 44 29.87 8.01 12.14
C ASN C 44 29.22 9.32 11.71
N GLY C 45 28.05 9.60 12.26
CA GLY C 45 27.38 10.87 12.06
C GLY C 45 26.55 11.01 10.80
N LYS C 46 26.49 9.96 9.99
CA LYS C 46 25.74 9.99 8.74
C LYS C 46 24.48 9.15 8.87
N VAL C 47 23.38 9.60 8.28
CA VAL C 47 22.13 8.84 8.31
C VAL C 47 22.24 7.63 7.39
N GLY C 48 22.03 6.44 7.95
CA GLY C 48 22.02 5.23 7.15
C GLY C 48 20.62 4.65 7.06
N THR C 49 20.48 3.61 6.25
CA THR C 49 19.20 2.95 6.08
C THR C 49 19.42 1.47 6.19
N ALA C 50 18.51 0.80 6.87
CA ALA C 50 18.56 -0.64 6.96
C ALA C 50 17.27 -1.19 6.40
N HIS C 51 17.38 -2.26 5.63
CA HIS C 51 16.21 -2.91 5.05
CA HIS C 51 16.19 -2.88 5.07
C HIS C 51 16.27 -4.35 5.41
N ILE C 52 15.19 -4.89 5.92
CA ILE C 52 15.20 -6.28 6.31
C ILE C 52 14.04 -6.93 5.62
N ILE C 53 14.28 -8.11 5.06
CA ILE C 53 13.23 -8.83 4.36
C ILE C 53 13.25 -10.31 4.71
N TYR C 54 12.06 -10.89 4.75
CA TYR C 54 11.92 -12.34 4.86
C TYR C 54 10.67 -12.79 4.12
N ASN C 55 10.73 -13.94 3.46
CA ASN C 55 9.50 -14.53 2.96
C ASN C 55 9.50 -16.02 3.19
N SER C 56 8.32 -16.59 3.34
CA SER C 56 8.17 -17.99 3.71
C SER C 56 8.34 -18.92 2.51
N VAL C 57 8.53 -18.36 1.33
CA VAL C 57 8.79 -19.18 0.15
C VAL C 57 10.25 -19.60 0.19
N ASP C 58 11.13 -18.61 0.28
CA ASP C 58 12.57 -18.87 0.35
C ASP C 58 13.04 -19.16 1.78
N LYS C 59 12.28 -18.68 2.76
CA LYS C 59 12.66 -18.79 4.17
C LYS C 59 14.08 -18.34 4.41
N ARG C 60 14.34 -17.11 3.99
CA ARG C 60 15.66 -16.54 4.01
C ARG C 60 15.56 -15.14 4.56
N LEU C 61 16.25 -14.90 5.67
CA LEU C 61 16.25 -13.57 6.26
C LEU C 61 17.44 -12.81 5.75
N SER C 62 17.17 -11.68 5.12
CA SER C 62 18.22 -10.86 4.55
C SER C 62 18.11 -9.44 5.02
N ALA C 63 19.24 -8.76 5.03
CA ALA C 63 19.24 -7.35 5.36
C ALA C 63 20.29 -6.65 4.55
N VAL C 64 19.97 -5.41 4.20
CA VAL C 64 20.94 -4.55 3.54
CA VAL C 64 20.90 -4.52 3.51
C VAL C 64 21.01 -3.24 4.33
N VAL C 65 22.24 -2.82 4.61
CA VAL C 65 22.42 -1.56 5.33
C VAL C 65 23.29 -0.67 4.46
N SER C 66 22.80 0.53 4.21
CA SER C 66 23.49 1.38 3.25
C SER C 66 23.53 2.81 3.70
N TYR C 67 24.50 3.54 3.19
CA TYR C 67 24.50 4.99 3.28
C TYR C 67 24.43 5.54 1.86
N PRO C 68 23.82 6.72 1.69
CA PRO C 68 23.81 7.39 0.38
C PRO C 68 25.20 7.46 -0.23
N ASN C 69 25.32 7.12 -1.50
CA ASN C 69 26.60 7.17 -2.23
C ASN C 69 27.70 6.26 -1.70
N ALA C 70 27.32 5.14 -1.09
CA ALA C 70 28.30 4.15 -0.66
C ALA C 70 27.81 2.76 -1.00
N ASP C 71 28.74 1.82 -1.12
CA ASP C 71 28.36 0.44 -1.36
C ASP C 71 27.65 -0.09 -0.13
N SER C 72 26.63 -0.90 -0.32
CA SER C 72 25.88 -1.42 0.81
CA SER C 72 25.86 -1.44 0.79
C SER C 72 26.55 -2.66 1.39
N ALA C 73 26.14 -3.00 2.60
CA ALA C 73 26.57 -4.22 3.23
C ALA C 73 25.33 -5.09 3.30
N THR C 74 25.48 -6.36 2.98
CA THR C 74 24.31 -7.22 2.94
C THR C 74 24.61 -8.52 3.61
N VAL C 75 23.61 -9.06 4.30
CA VAL C 75 23.78 -10.33 4.99
C VAL C 75 22.48 -11.09 4.84
N SER C 76 22.57 -12.41 4.72
CA SER C 76 21.41 -13.25 4.50
C SER C 76 21.62 -14.55 5.23
N TYR C 77 20.54 -15.14 5.74
CA TYR C 77 20.64 -16.42 6.45
C TYR C 77 19.36 -17.22 6.25
N ASP C 78 19.51 -18.48 5.84
CA ASP C 78 18.38 -19.36 5.71
C ASP C 78 17.86 -19.76 7.09
N VAL C 79 16.63 -19.39 7.39
CA VAL C 79 16.05 -19.74 8.67
C VAL C 79 14.55 -19.89 8.54
N ASP C 80 14.03 -21.00 9.07
CA ASP C 80 12.61 -21.25 9.05
C ASP C 80 12.04 -20.66 10.33
N LEU C 81 11.39 -19.50 10.23
CA LEU C 81 10.91 -18.82 11.43
C LEU C 81 9.77 -19.59 12.09
N ASP C 82 9.09 -20.45 11.31
CA ASP C 82 8.07 -21.36 11.85
C ASP C 82 8.62 -22.20 12.99
N ASN C 83 9.93 -22.44 12.96
CA ASN C 83 10.61 -23.33 13.88
C ASN C 83 11.37 -22.60 14.98
N VAL C 84 11.34 -21.26 14.93
CA VAL C 84 12.11 -20.45 15.86
C VAL C 84 11.22 -19.57 16.72
N LEU C 85 10.39 -18.78 16.05
CA LEU C 85 9.51 -17.82 16.73
C LEU C 85 8.16 -18.41 17.05
N PRO C 86 7.47 -17.82 18.05
CA PRO C 86 6.04 -18.14 18.19
C PRO C 86 5.26 -17.54 17.01
N GLU C 87 4.04 -18.02 16.79
CA GLU C 87 3.18 -17.53 15.71
C GLU C 87 2.94 -16.04 15.81
N TRP C 88 2.66 -15.58 17.03
CA TRP C 88 2.46 -14.15 17.26
C TRP C 88 3.67 -13.57 17.94
N VAL C 89 4.08 -12.40 17.47
CA VAL C 89 5.30 -11.78 17.94
C VAL C 89 5.09 -10.30 18.05
N ARG C 90 6.04 -9.61 18.65
CA ARG C 90 6.11 -8.18 18.46
C ARG C 90 7.40 -7.90 17.72
N VAL C 91 7.40 -6.79 17.00
CA VAL C 91 8.61 -6.37 16.29
C VAL C 91 9.10 -5.09 16.91
N GLY C 92 10.41 -4.87 16.87
CA GLY C 92 10.96 -3.72 17.53
C GLY C 92 12.34 -3.33 17.06
N LEU C 93 12.83 -2.22 17.60
CA LEU C 93 14.21 -1.81 17.45
C LEU C 93 14.81 -1.77 18.84
N SER C 94 16.08 -2.12 18.93
CA SER C 94 16.79 -2.11 20.21
C SER C 94 18.18 -1.53 19.97
N ALA C 95 18.80 -1.04 21.04
CA ALA C 95 20.13 -0.50 20.91
C ALA C 95 20.73 -0.46 22.28
N SER C 96 22.06 -0.42 22.32
CA SER C 96 22.74 -0.38 23.60
C SER C 96 24.05 0.35 23.47
N THR C 97 24.56 0.79 24.60
CA THR C 97 25.93 1.24 24.74
C THR C 97 26.49 0.54 25.97
N GLY C 98 27.80 0.66 26.18
CA GLY C 98 28.47 -0.02 27.27
C GLY C 98 29.56 0.91 27.80
N LEU C 99 30.80 0.43 27.86
CA LEU C 99 31.93 1.31 28.20
C LEU C 99 32.07 2.39 27.14
N TYR C 100 31.85 2.00 25.89
CA TYR C 100 31.83 2.95 24.79
C TYR C 100 30.40 3.20 24.36
N LYS C 101 30.19 4.28 23.62
CA LYS C 101 28.83 4.69 23.34
C LYS C 101 28.71 5.42 22.02
N GLU C 102 27.47 5.77 21.71
CA GLU C 102 27.11 6.36 20.43
C GLU C 102 25.66 6.76 20.55
N THR C 103 25.20 7.69 19.72
CA THR C 103 23.77 7.93 19.67
C THR C 103 23.19 6.81 18.86
N ASN C 104 21.98 6.39 19.20
CA ASN C 104 21.29 5.36 18.46
C ASN C 104 19.94 5.93 18.10
N THR C 105 19.98 6.86 17.15
CA THR C 105 18.81 7.66 16.83
C THR C 105 18.09 7.00 15.68
N ILE C 106 16.79 6.79 15.82
CA ILE C 106 15.99 6.27 14.71
C ILE C 106 15.17 7.41 14.13
N LEU C 107 15.30 7.66 12.83
CA LEU C 107 14.61 8.79 12.20
C LEU C 107 13.29 8.36 11.57
N SER C 108 13.21 7.09 11.19
CA SER C 108 12.01 6.57 10.56
C SER C 108 12.04 5.07 10.73
N TRP C 109 10.88 4.45 10.71
CA TRP C 109 10.78 3.00 10.82
C TRP C 109 9.48 2.56 10.17
N SER C 110 9.58 1.60 9.26
CA SER C 110 8.38 1.07 8.60
C SER C 110 8.45 -0.45 8.62
N PHE C 111 7.28 -1.06 8.62
CA PHE C 111 7.17 -2.50 8.68
C PHE C 111 5.91 -2.90 7.94
N THR C 112 6.00 -4.00 7.21
CA THR C 112 4.81 -4.58 6.61
C THR C 112 4.91 -6.07 6.78
N SER C 113 3.82 -6.70 7.20
CA SER C 113 3.75 -8.15 7.25
CA SER C 113 3.77 -8.15 7.24
C SER C 113 2.49 -8.62 6.57
N LYS C 114 2.58 -9.74 5.87
CA LYS C 114 1.44 -10.29 5.16
C LYS C 114 1.38 -11.80 5.32
N LEU C 115 0.16 -12.30 5.52
CA LEU C 115 -0.11 -13.73 5.65
C LEU C 115 -1.27 -14.13 4.75
N LYS C 116 -1.01 -15.03 3.81
CA LYS C 116 -2.04 -15.50 2.90
C LYS C 116 -2.45 -16.92 3.28
N SER C 117 -3.72 -17.12 3.63
CA SER C 117 -4.20 -18.43 4.09
C SER C 117 -4.26 -19.47 2.99
N ASN C 118 -3.95 -20.72 3.35
CA ASN C 118 -4.01 -21.83 2.41
C ASN C 118 -5.45 -22.21 2.12
N SER C 119 -6.31 -22.00 3.11
CA SER C 119 -7.73 -22.35 2.97
C SER C 119 -8.45 -21.41 2.03
N THR C 120 -8.17 -20.12 2.13
CA THR C 120 -8.96 -19.11 1.43
C THR C 120 -8.20 -18.30 0.39
N HIS C 121 -6.87 -18.32 0.47
CA HIS C 121 -6.04 -17.50 -0.41
C HIS C 121 -6.39 -16.02 -0.32
N GLU C 122 -6.80 -15.59 0.87
CA GLU C 122 -6.91 -14.16 1.14
C GLU C 122 -5.92 -13.78 2.23
N THR C 123 -5.52 -12.52 2.20
CA THR C 123 -4.33 -12.08 2.91
C THR C 123 -4.71 -11.21 4.10
N ASN C 124 -4.05 -11.47 5.23
CA ASN C 124 -4.08 -10.51 6.33
C ASN C 124 -2.81 -9.71 6.27
N ALA C 125 -2.89 -8.44 6.65
CA ALA C 125 -1.73 -7.59 6.48
C ALA C 125 -1.66 -6.59 7.60
N LEU C 126 -0.43 -6.22 7.93
CA LEU C 126 -0.21 -5.12 8.85
C LEU C 126 0.88 -4.25 8.28
N HIS C 127 0.65 -2.94 8.27
CA HIS C 127 1.70 -2.03 7.91
C HIS C 127 1.68 -0.85 8.84
N PHE C 128 2.87 -0.45 9.29
CA PHE C 128 3.00 0.86 9.91
C PHE C 128 4.19 1.62 9.37
N MET C 129 4.09 2.94 9.41
CA MET C 129 5.22 3.74 9.03
C MET C 129 5.35 4.93 9.95
N PHE C 130 6.54 5.10 10.49
CA PHE C 130 6.82 6.26 11.28
C PHE C 130 7.91 7.00 10.56
N ASN C 131 7.60 8.19 10.05
CA ASN C 131 8.64 9.03 9.48
C ASN C 131 8.97 10.17 10.42
N GLN C 132 8.19 10.24 11.49
CA GLN C 132 8.47 11.13 12.60
C GLN C 132 7.94 10.45 13.85
N PHE C 133 8.57 10.71 14.98
CA PHE C 133 8.09 10.14 16.24
C PHE C 133 7.62 11.29 17.12
N SER C 134 6.53 11.05 17.84
CA SER C 134 5.97 12.14 18.64
C SER C 134 6.26 11.89 20.10
N LYS C 135 6.19 12.95 20.89
CA LYS C 135 6.21 12.79 22.33
C LYS C 135 4.98 11.93 22.66
N ASP C 136 5.12 11.02 23.61
CA ASP C 136 4.02 10.14 23.99
C ASP C 136 3.42 9.47 22.76
N GLN C 137 4.20 8.61 22.12
CA GLN C 137 3.69 7.93 20.95
C GLN C 137 3.06 6.61 21.37
N LYS C 138 1.73 6.59 21.38
CA LYS C 138 1.01 5.50 22.02
C LYS C 138 1.01 4.16 21.29
N ASP C 139 1.43 4.15 20.03
CA ASP C 139 1.54 2.87 19.30
C ASP C 139 2.94 2.27 19.36
N LEU C 140 3.78 2.81 20.25
CA LEU C 140 5.09 2.25 20.50
C LEU C 140 5.16 1.92 21.97
N ILE C 141 5.71 0.74 22.27
CA ILE C 141 6.04 0.39 23.65
C ILE C 141 7.50 0.71 23.83
N LEU C 142 7.80 1.74 24.62
CA LEU C 142 9.19 2.09 24.88
C LEU C 142 9.71 1.37 26.11
N GLN C 143 10.92 0.84 26.01
CA GLN C 143 11.50 0.06 27.09
C GLN C 143 12.88 0.59 27.42
N GLY C 144 13.26 0.54 28.71
CA GLY C 144 14.58 0.99 29.10
C GLY C 144 14.75 2.46 28.85
N ASP C 145 15.88 2.84 28.26
CA ASP C 145 16.20 4.25 28.04
C ASP C 145 15.58 4.88 26.79
N ALA C 146 14.78 4.13 26.05
CA ALA C 146 14.23 4.67 24.80
C ALA C 146 13.28 5.84 25.07
N THR C 147 13.41 6.90 24.27
CA THR C 147 12.49 8.04 24.33
C THR C 147 12.18 8.54 22.93
N THR C 148 11.04 9.22 22.80
CA THR C 148 10.67 9.90 21.57
C THR C 148 10.40 11.35 21.90
N GLY C 149 10.32 12.19 20.87
CA GLY C 149 10.03 13.60 21.08
C GLY C 149 11.05 14.53 20.45
N THR C 150 12.30 14.43 20.91
CA THR C 150 13.36 15.32 20.43
C THR C 150 13.61 15.16 18.92
N ASP C 151 13.49 16.27 18.20
CA ASP C 151 13.72 16.33 16.76
C ASP C 151 12.71 15.48 15.98
N GLY C 152 11.69 15.00 16.68
CA GLY C 152 10.75 14.09 16.06
C GLY C 152 11.40 12.73 15.87
N ASN C 153 12.47 12.47 16.61
CA ASN C 153 13.18 11.21 16.48
C ASN C 153 12.92 10.24 17.62
N LEU C 154 13.36 9.00 17.42
CA LEU C 154 13.35 8.00 18.48
C LEU C 154 14.79 7.77 18.94
N GLU C 155 15.09 8.10 20.20
CA GLU C 155 16.42 7.84 20.73
C GLU C 155 16.35 6.55 21.52
N LEU C 156 16.92 5.48 20.97
CA LEU C 156 16.87 4.19 21.64
C LEU C 156 17.68 4.21 22.94
N THR C 157 18.83 4.86 22.94
CA THR C 157 19.63 4.95 24.16
C THR C 157 19.76 6.37 24.65
N ARG C 158 20.25 6.52 25.87
CA ARG C 158 20.24 7.82 26.55
C ARG C 158 21.21 8.81 25.93
N VAL C 159 20.72 10.02 25.71
CA VAL C 159 21.54 11.13 25.24
C VAL C 159 21.36 12.25 26.24
N SER C 160 22.45 12.89 26.65
CA SER C 160 22.36 13.92 27.68
C SER C 160 21.80 15.23 27.14
N SER C 161 21.68 16.22 28.02
CA SER C 161 21.17 17.54 27.63
C SER C 161 21.98 18.18 26.51
N ASN C 162 23.29 17.96 26.51
CA ASN C 162 24.16 18.57 25.51
C ASN C 162 24.29 17.75 24.23
N GLY C 163 23.55 16.66 24.16
CA GLY C 163 23.59 15.80 22.99
C GLY C 163 24.66 14.71 23.06
N SER C 164 25.28 14.55 24.22
CA SER C 164 26.28 13.49 24.39
C SER C 164 25.59 12.17 24.68
N PRO C 165 25.93 11.13 23.90
CA PRO C 165 25.40 9.79 24.18
C PRO C 165 26.02 9.24 25.46
N GLN C 166 25.22 8.57 26.27
CA GLN C 166 25.71 8.02 27.53
C GLN C 166 26.05 6.54 27.41
N GLY C 167 27.00 6.09 28.22
CA GLY C 167 27.39 4.69 28.21
C GLY C 167 26.43 3.86 29.02
N SER C 168 26.57 2.54 28.93
CA SER C 168 25.73 1.60 29.70
C SER C 168 24.24 1.90 29.64
N SER C 169 23.78 2.16 28.43
CA SER C 169 22.38 2.49 28.19
C SER C 169 21.79 1.42 27.31
N VAL C 170 20.51 1.16 27.51
CA VAL C 170 19.82 0.19 26.68
C VAL C 170 18.38 0.62 26.56
N GLY C 171 17.82 0.46 25.38
CA GLY C 171 16.44 0.86 25.20
C GLY C 171 15.88 0.26 23.95
N ARG C 172 14.56 0.11 23.92
CA ARG C 172 13.92 -0.55 22.79
C ARG C 172 12.59 0.10 22.52
N ALA C 173 12.13 -0.01 21.29
CA ALA C 173 10.78 0.41 20.95
C ALA C 173 10.13 -0.74 20.21
N LEU C 174 8.97 -1.17 20.69
CA LEU C 174 8.22 -2.25 20.05
C LEU C 174 6.92 -1.69 19.52
N PHE C 175 6.53 -2.12 18.33
CA PHE C 175 5.23 -1.71 17.85
C PHE C 175 4.16 -2.35 18.75
N TYR C 176 3.10 -1.59 19.01
CA TYR C 176 2.13 -2.00 20.02
C TYR C 176 1.38 -3.26 19.66
N ALA C 177 0.98 -3.40 18.39
CA ALA C 177 0.19 -4.55 17.98
C ALA C 177 1.06 -5.77 17.77
N PRO C 178 0.63 -6.90 18.33
CA PRO C 178 1.25 -8.18 17.98
C PRO C 178 1.13 -8.41 16.46
N VAL C 179 2.07 -9.16 15.90
CA VAL C 179 2.13 -9.39 14.46
C VAL C 179 2.04 -10.88 14.28
N HIS C 180 1.21 -11.33 13.35
CA HIS C 180 1.09 -12.75 13.10
C HIS C 180 2.16 -13.06 12.08
N ILE C 181 3.31 -13.52 12.56
CA ILE C 181 4.51 -13.56 11.72
C ILE C 181 4.60 -14.84 10.87
N TRP C 182 3.98 -15.92 11.34
CA TRP C 182 3.87 -17.13 10.55
C TRP C 182 2.60 -17.88 10.90
N GLU C 183 2.17 -18.74 9.99
CA GLU C 183 1.03 -19.62 10.25
C GLU C 183 1.11 -20.81 9.30
N SER C 184 0.85 -22.00 9.84
CA SER C 184 0.95 -23.23 9.06
C SER C 184 -0.03 -23.23 7.91
N SER C 185 -1.20 -22.62 8.14
CA SER C 185 -2.26 -22.56 7.14
C SER C 185 -2.01 -21.47 6.09
N ALA C 186 -0.80 -20.91 6.07
CA ALA C 186 -0.52 -19.82 5.14
C ALA C 186 0.27 -20.28 3.92
N VAL C 187 -0.14 -19.78 2.74
CA VAL C 187 0.52 -20.12 1.48
C VAL C 187 1.83 -19.36 1.35
N VAL C 188 1.76 -18.07 1.61
CA VAL C 188 2.92 -17.20 1.58
C VAL C 188 2.83 -16.35 2.83
N ALA C 189 3.96 -16.22 3.49
CA ALA C 189 4.08 -15.29 4.61
C ALA C 189 5.29 -14.47 4.26
N SER C 190 5.27 -13.18 4.61
CA SER C 190 6.42 -12.34 4.35
C SER C 190 6.35 -11.08 5.17
N PHE C 191 7.53 -10.53 5.45
CA PHE C 191 7.58 -9.22 6.09
C PHE C 191 8.78 -8.46 5.61
N GLU C 192 8.70 -7.14 5.72
CA GLU C 192 9.86 -6.34 5.45
C GLU C 192 9.91 -5.26 6.52
N ALA C 193 11.11 -4.83 6.86
CA ALA C 193 11.24 -3.68 7.74
C ALA C 193 12.28 -2.75 7.17
N THR C 194 12.06 -1.46 7.35
CA THR C 194 13.04 -0.46 6.95
C THR C 194 13.14 0.57 8.06
N PHE C 195 14.35 0.95 8.43
CA PHE C 195 14.50 2.07 9.34
C PHE C 195 15.71 2.91 8.95
N THR C 196 15.65 4.19 9.28
CA THR C 196 16.81 5.04 9.07
C THR C 196 17.33 5.43 10.43
N PHE C 197 18.65 5.59 10.53
CA PHE C 197 19.26 5.70 11.83
C PHE C 197 20.42 6.65 11.74
N LEU C 198 20.73 7.29 12.85
CA LEU C 198 21.87 8.17 12.90
C LEU C 198 22.73 7.73 14.07
N ILE C 199 23.89 7.15 13.79
CA ILE C 199 24.79 6.73 14.85
C ILE C 199 25.96 7.70 14.87
N LYS C 200 26.16 8.30 16.04
CA LYS C 200 27.12 9.39 16.18
C LYS C 200 27.93 9.14 17.44
N SER C 201 29.25 9.11 17.29
CA SER C 201 30.15 8.95 18.44
C SER C 201 31.23 10.02 18.33
N PRO C 202 31.29 10.94 19.30
CA PRO C 202 32.20 12.09 19.25
C PRO C 202 33.65 11.62 19.23
N ASP C 203 33.97 10.77 20.20
CA ASP C 203 35.31 10.22 20.34
C ASP C 203 35.68 9.23 19.24
N SER C 204 34.77 9.06 18.26
CA SER C 204 34.94 8.08 17.20
C SER C 204 35.19 6.68 17.76
N HIS C 205 34.64 6.43 18.94
CA HIS C 205 34.77 5.13 19.59
C HIS C 205 33.38 4.55 19.84
N PRO C 206 32.69 4.15 18.77
CA PRO C 206 31.27 3.78 18.91
C PRO C 206 31.01 2.39 19.48
N ALA C 207 29.92 2.29 20.22
CA ALA C 207 29.38 1.03 20.71
C ALA C 207 27.95 1.36 21.12
N ASP C 208 27.03 0.39 21.12
CA ASP C 208 27.29 -0.99 20.72
C ASP C 208 26.57 -1.43 19.45
N GLY C 209 25.51 -0.73 19.10
CA GLY C 209 24.83 -1.04 17.86
C GLY C 209 23.33 -0.86 17.97
N ILE C 210 22.66 -1.08 16.85
CA ILE C 210 21.22 -1.08 16.78
C ILE C 210 20.76 -2.41 16.19
N ALA C 211 19.58 -2.90 16.61
CA ALA C 211 19.02 -4.10 16.02
C ALA C 211 17.56 -3.93 15.70
N PHE C 212 17.14 -4.53 14.59
CA PHE C 212 15.71 -4.78 14.42
C PHE C 212 15.48 -6.19 14.93
N PHE C 213 14.46 -6.37 15.75
CA PHE C 213 14.24 -7.69 16.30
C PHE C 213 12.80 -8.10 16.27
N ILE C 214 12.61 -9.40 16.31
CA ILE C 214 11.27 -9.95 16.41
C ILE C 214 11.28 -10.83 17.65
N SER C 215 10.23 -10.74 18.46
CA SER C 215 10.27 -11.45 19.74
C SER C 215 8.93 -11.98 20.17
N ASN C 216 8.93 -12.83 21.18
CA ASN C 216 7.68 -13.15 21.85
C ASN C 216 7.01 -11.85 22.25
N ILE C 217 5.69 -11.85 22.26
CA ILE C 217 4.91 -10.63 22.45
C ILE C 217 5.26 -9.85 23.71
N ASP C 218 5.52 -10.60 24.79
CA ASP C 218 5.75 -9.98 26.10
C ASP C 218 7.22 -9.74 26.36
N SER C 219 8.02 -9.67 25.31
CA SER C 219 9.46 -9.49 25.48
C SER C 219 9.78 -8.19 26.19
N SER C 220 10.79 -8.26 27.06
CA SER C 220 11.29 -7.09 27.77
C SER C 220 12.79 -7.11 27.69
N ILE C 221 13.42 -5.96 27.95
CA ILE C 221 14.86 -5.90 27.95
C ILE C 221 15.43 -6.86 28.98
N PRO C 222 16.29 -7.79 28.54
CA PRO C 222 16.92 -8.66 29.53
C PRO C 222 17.74 -7.82 30.49
N SER C 223 17.62 -8.11 31.77
CA SER C 223 18.34 -7.34 32.75
C SER C 223 19.82 -7.44 32.47
N GLY C 224 20.48 -6.28 32.42
CA GLY C 224 21.91 -6.21 32.20
C GLY C 224 22.34 -6.31 30.75
N SER C 225 21.39 -6.25 29.81
CA SER C 225 21.72 -6.43 28.40
C SER C 225 22.26 -5.19 27.71
N THR C 226 22.94 -4.35 28.46
CA THR C 226 23.67 -3.25 27.87
C THR C 226 24.91 -3.77 27.14
N GLY C 227 25.67 -2.86 26.54
CA GLY C 227 26.91 -3.24 25.91
C GLY C 227 26.69 -4.24 24.79
N ARG C 228 27.50 -5.30 24.77
CA ARG C 228 27.53 -6.23 23.63
C ARG C 228 26.25 -7.03 23.43
N LEU C 229 25.38 -7.02 24.44
CA LEU C 229 24.16 -7.82 24.39
C LEU C 229 23.01 -7.12 23.65
N LEU C 230 23.23 -5.86 23.26
CA LEU C 230 22.34 -5.12 22.36
C LEU C 230 20.89 -4.99 22.82
N GLY C 231 20.67 -5.19 24.12
CA GLY C 231 19.33 -5.12 24.65
C GLY C 231 18.47 -6.30 24.27
N LEU C 232 19.09 -7.35 23.74
CA LEU C 232 18.33 -8.45 23.16
C LEU C 232 18.45 -9.76 23.93
N PHE C 233 19.64 -10.03 24.47
CA PHE C 233 19.96 -11.34 25.04
C PHE C 233 20.44 -11.21 26.48
N PRO C 234 20.09 -12.20 27.31
CA PRO C 234 20.46 -12.20 28.73
C PRO C 234 21.93 -12.57 28.96
N ASP C 235 22.53 -13.18 27.96
CA ASP C 235 23.94 -13.54 28.05
C ASP C 235 24.55 -13.61 26.66
N ALA C 236 25.81 -14.03 26.59
CA ALA C 236 26.53 -14.11 25.33
C ALA C 236 26.59 -15.51 24.74
N ASN C 237 25.75 -16.41 25.22
CA ASN C 237 25.78 -17.79 24.72
C ASN C 237 25.36 -17.88 23.25
N ALA D 1 -17.30 9.38 30.73
CA ALA D 1 -17.57 8.25 29.84
C ALA D 1 -16.59 8.22 28.68
N ASP D 2 -16.74 7.22 27.82
CA ASP D 2 -15.89 7.13 26.64
C ASP D 2 -16.29 8.21 25.67
N THR D 3 -15.40 8.52 24.73
CA THR D 3 -15.74 9.39 23.62
C THR D 3 -15.93 8.49 22.40
N ILE D 4 -17.13 8.50 21.83
CA ILE D 4 -17.42 7.66 20.66
C ILE D 4 -17.72 8.49 19.40
N VAL D 5 -17.04 8.15 18.31
CA VAL D 5 -17.46 8.53 16.96
C VAL D 5 -17.74 7.23 16.22
N ALA D 6 -18.94 7.07 15.67
CA ALA D 6 -19.30 5.79 15.08
C ALA D 6 -20.15 5.93 13.84
N VAL D 7 -20.05 4.92 12.99
CA VAL D 7 -20.98 4.77 11.88
C VAL D 7 -21.80 3.54 12.22
N GLU D 8 -23.09 3.74 12.44
CA GLU D 8 -23.94 2.63 12.79
C GLU D 8 -24.71 2.14 11.58
N LEU D 9 -24.78 0.82 11.48
CA LEU D 9 -25.70 0.14 10.58
C LEU D 9 -26.76 -0.39 11.52
N ASP D 10 -27.83 0.40 11.68
CA ASP D 10 -28.85 0.17 12.69
C ASP D 10 -30.01 -0.58 12.05
N THR D 11 -30.17 -1.84 12.42
CA THR D 11 -31.14 -2.73 11.78
C THR D 11 -32.50 -2.61 12.46
N TYR D 12 -32.53 -1.94 13.60
CA TYR D 12 -33.74 -1.90 14.43
C TYR D 12 -34.14 -0.49 14.82
N PRO D 13 -35.35 -0.07 14.38
CA PRO D 13 -35.82 1.29 14.68
C PRO D 13 -36.23 1.46 16.14
N ASN D 14 -35.42 2.19 16.90
CA ASN D 14 -35.84 2.64 18.22
C ASN D 14 -36.31 4.08 18.12
N THR D 15 -37.56 4.25 17.74
CA THR D 15 -38.14 5.57 17.51
C THR D 15 -38.24 6.43 18.75
N ASP D 16 -38.40 5.78 19.91
CA ASP D 16 -38.47 6.52 21.16
C ASP D 16 -37.16 7.25 21.49
N ILE D 17 -36.08 6.89 20.81
CA ILE D 17 -34.81 7.58 21.01
C ILE D 17 -34.25 8.18 19.72
N GLY D 18 -35.11 8.44 18.75
CA GLY D 18 -34.69 9.23 17.61
C GLY D 18 -34.43 8.50 16.30
N ASP D 19 -34.46 7.16 16.34
CA ASP D 19 -34.31 6.40 15.11
C ASP D 19 -35.42 6.77 14.16
N PRO D 20 -35.13 6.81 12.86
CA PRO D 20 -36.21 6.82 11.86
C PRO D 20 -36.88 5.45 11.84
N SER D 21 -38.07 5.34 11.27
CA SER D 21 -38.84 4.10 11.34
C SER D 21 -38.47 3.05 10.29
N TYR D 22 -37.18 2.89 10.03
CA TYR D 22 -36.71 1.88 9.09
C TYR D 22 -35.26 1.61 9.42
N PRO D 23 -34.74 0.45 9.00
CA PRO D 23 -33.29 0.24 9.15
C PRO D 23 -32.56 1.39 8.48
N HIS D 24 -31.46 1.82 9.07
CA HIS D 24 -30.80 3.02 8.59
C HIS D 24 -29.32 2.94 8.90
N ILE D 25 -28.54 3.71 8.18
CA ILE D 25 -27.15 3.91 8.57
C ILE D 25 -27.10 5.29 9.19
N GLY D 26 -26.15 5.49 10.10
CA GLY D 26 -26.08 6.77 10.81
C GLY D 26 -24.68 7.14 11.19
N ILE D 27 -24.48 8.45 11.37
CA ILE D 27 -23.22 8.96 11.90
C ILE D 27 -23.47 9.36 13.34
N ASP D 28 -22.80 8.70 14.26
CA ASP D 28 -23.00 8.98 15.68
C ASP D 28 -21.82 9.72 16.22
N ILE D 29 -22.05 10.94 16.66
CA ILE D 29 -21.03 11.71 17.35
C ILE D 29 -21.39 11.82 18.82
N LYS D 30 -20.70 11.05 19.66
CA LYS D 30 -20.85 11.15 21.12
C LYS D 30 -22.29 10.95 21.61
N SER D 31 -23.12 10.33 20.78
CA SER D 31 -24.49 10.01 21.16
C SER D 31 -25.08 8.96 20.25
N VAL D 32 -25.90 8.07 20.79
CA VAL D 32 -26.58 7.09 19.95
C VAL D 32 -27.61 7.75 19.03
N ARG D 33 -27.97 9.00 19.32
CA ARG D 33 -28.91 9.72 18.48
C ARG D 33 -28.13 10.29 17.30
N SER D 34 -28.15 9.57 16.18
CA SER D 34 -27.30 9.89 15.02
C SER D 34 -27.45 11.35 14.59
N LYS D 35 -26.32 11.99 14.31
CA LYS D 35 -26.35 13.36 13.81
C LYS D 35 -26.94 13.34 12.41
N LYS D 36 -26.79 12.20 11.75
CA LYS D 36 -27.30 12.07 10.39
C LYS D 36 -27.60 10.62 10.09
N THR D 37 -28.71 10.39 9.38
CA THR D 37 -29.11 9.05 9.01
C THR D 37 -29.48 8.95 7.55
N ALA D 38 -29.42 7.74 7.03
CA ALA D 38 -29.91 7.48 5.70
C ALA D 38 -30.61 6.14 5.73
N LYS D 39 -31.69 6.03 4.97
CA LYS D 39 -32.40 4.77 4.85
C LYS D 39 -31.50 3.69 4.29
N TRP D 40 -31.66 2.49 4.83
CA TRP D 40 -30.78 1.40 4.51
C TRP D 40 -31.62 0.18 4.27
N ASN D 41 -31.61 -0.29 3.03
CA ASN D 41 -32.35 -1.48 2.67
C ASN D 41 -31.52 -2.71 3.01
N MET D 42 -31.41 -3.00 4.30
CA MET D 42 -30.67 -4.15 4.79
C MET D 42 -31.26 -5.41 4.20
N GLN D 43 -30.37 -6.30 3.75
CA GLN D 43 -30.79 -7.56 3.15
C GLN D 43 -30.39 -8.71 4.06
N ASN D 44 -31.36 -9.18 4.84
CA ASN D 44 -31.18 -10.32 5.73
C ASN D 44 -30.50 -11.48 5.04
N GLY D 45 -29.41 -11.97 5.60
CA GLY D 45 -28.77 -13.17 5.09
C GLY D 45 -27.76 -12.96 3.98
N LYS D 46 -27.58 -11.72 3.54
CA LYS D 46 -26.64 -11.45 2.46
C LYS D 46 -25.40 -10.72 2.97
N VAL D 47 -24.24 -11.02 2.38
CA VAL D 47 -23.01 -10.33 2.76
C VAL D 47 -23.00 -8.92 2.19
N GLY D 48 -22.77 -7.94 3.07
CA GLY D 48 -22.74 -6.55 2.70
C GLY D 48 -21.40 -5.91 2.99
N THR D 49 -21.20 -4.69 2.50
CA THR D 49 -19.93 -4.00 2.63
C THR D 49 -20.17 -2.58 3.16
N ALA D 50 -19.37 -2.16 4.13
CA ALA D 50 -19.45 -0.79 4.63
C ALA D 50 -18.12 -0.15 4.37
N HIS D 51 -18.13 1.06 3.82
CA HIS D 51 -16.90 1.82 3.60
C HIS D 51 -17.08 3.11 4.36
N ILE D 52 -16.10 3.47 5.16
CA ILE D 52 -16.19 4.68 5.94
C ILE D 52 -14.95 5.50 5.63
N ILE D 53 -15.11 6.80 5.40
CA ILE D 53 -13.97 7.61 5.05
C ILE D 53 -14.09 8.96 5.71
N TYR D 54 -12.95 9.56 5.96
CA TYR D 54 -12.89 10.89 6.53
C TYR D 54 -11.55 11.48 6.18
N ASN D 55 -11.51 12.76 5.90
CA ASN D 55 -10.23 13.43 5.81
C ASN D 55 -10.36 14.84 6.39
N SER D 56 -9.25 15.39 6.85
CA SER D 56 -9.24 16.63 7.62
C SER D 56 -9.32 17.84 6.70
N VAL D 57 -9.30 17.61 5.40
CA VAL D 57 -9.45 18.74 4.46
C VAL D 57 -10.92 19.08 4.38
N ASP D 58 -11.72 18.10 3.99
CA ASP D 58 -13.16 18.29 3.90
C ASP D 58 -13.83 18.19 5.27
N LYS D 59 -13.14 17.55 6.20
CA LYS D 59 -13.70 17.24 7.52
C LYS D 59 -15.09 16.70 7.37
N ARG D 60 -15.23 15.73 6.49
CA ARG D 60 -16.53 15.15 6.25
C ARG D 60 -16.42 13.67 6.52
N LEU D 61 -17.16 13.21 7.51
CA LEU D 61 -17.22 11.78 7.77
C LEU D 61 -18.33 11.19 6.92
N SER D 62 -17.96 10.26 6.05
CA SER D 62 -18.93 9.64 5.16
C SER D 62 -18.86 8.13 5.21
N ALA D 63 -19.98 7.50 4.88
CA ALA D 63 -20.05 6.06 4.86
C ALA D 63 -20.99 5.64 3.77
N VAL D 64 -20.66 4.52 3.17
CA VAL D 64 -21.52 3.92 2.18
CA VAL D 64 -21.49 3.91 2.15
C VAL D 64 -21.66 2.44 2.50
N VAL D 65 -22.90 1.98 2.55
CA VAL D 65 -23.18 0.58 2.83
C VAL D 65 -23.90 -0.04 1.64
N SER D 66 -23.38 -1.14 1.13
CA SER D 66 -23.92 -1.69 -0.09
C SER D 66 -23.96 -3.21 -0.11
N TYR D 67 -24.86 -3.75 -0.91
CA TYR D 67 -24.90 -5.16 -1.23
C TYR D 67 -24.65 -5.27 -2.73
N PRO D 68 -24.02 -6.36 -3.17
CA PRO D 68 -23.73 -6.56 -4.60
C PRO D 68 -24.98 -6.45 -5.46
N ASN D 69 -24.88 -5.66 -6.54
CA ASN D 69 -25.98 -5.44 -7.47
C ASN D 69 -27.25 -4.85 -6.85
N ALA D 70 -27.06 -3.99 -5.86
CA ALA D 70 -28.16 -3.24 -5.24
C ALA D 70 -27.72 -1.80 -5.10
N ASP D 71 -28.68 -0.88 -4.99
CA ASP D 71 -28.37 0.51 -4.72
C ASP D 71 -27.74 0.62 -3.33
N SER D 72 -26.73 1.47 -3.21
CA SER D 72 -26.08 1.64 -1.92
C SER D 72 -26.81 2.69 -1.07
N ALA D 73 -26.59 2.64 0.24
CA ALA D 73 -27.03 3.73 1.10
C ALA D 73 -25.81 4.54 1.50
N THR D 74 -25.96 5.85 1.60
CA THR D 74 -24.81 6.69 1.95
C THR D 74 -25.20 7.72 2.98
N VAL D 75 -24.29 8.03 3.89
CA VAL D 75 -24.57 9.09 4.85
C VAL D 75 -23.29 9.85 5.08
N SER D 76 -23.41 11.17 5.23
CA SER D 76 -22.23 12.00 5.46
C SER D 76 -22.58 13.05 6.47
N TYR D 77 -21.58 13.43 7.27
CA TYR D 77 -21.77 14.45 8.26
C TYR D 77 -20.50 15.26 8.37
N ASP D 78 -20.63 16.57 8.27
CA ASP D 78 -19.49 17.45 8.47
C ASP D 78 -19.19 17.53 9.94
N VAL D 79 -18.01 17.09 10.31
CA VAL D 79 -17.58 17.11 11.70
C VAL D 79 -16.08 17.27 11.71
N ASP D 80 -15.60 18.13 12.61
CA ASP D 80 -14.17 18.27 12.83
C ASP D 80 -13.75 17.33 13.95
N LEU D 81 -13.18 16.18 13.58
CA LEU D 81 -12.85 15.16 14.56
C LEU D 81 -11.78 15.64 15.56
N ASP D 82 -10.99 16.64 15.15
CA ASP D 82 -10.05 17.29 16.06
C ASP D 82 -10.76 17.78 17.32
N ASN D 83 -12.02 18.17 17.15
CA ASN D 83 -12.81 18.77 18.22
C ASN D 83 -13.65 17.77 19.00
N VAL D 84 -13.56 16.49 18.62
CA VAL D 84 -14.40 15.46 19.23
C VAL D 84 -13.55 14.39 19.89
N LEU D 85 -12.62 13.84 19.12
CA LEU D 85 -11.82 12.71 19.60
C LEU D 85 -10.50 13.16 20.18
N PRO D 86 -9.98 12.38 21.12
CA PRO D 86 -8.60 12.57 21.55
C PRO D 86 -7.68 12.30 20.37
N GLU D 87 -6.45 12.78 20.49
CA GLU D 87 -5.45 12.66 19.46
C GLU D 87 -5.24 11.18 19.12
N TRP D 88 -5.18 10.38 20.17
CA TRP D 88 -4.94 8.96 20.05
C TRP D 88 -6.21 8.20 20.40
N VAL D 89 -6.53 7.22 19.57
CA VAL D 89 -7.80 6.51 19.67
C VAL D 89 -7.58 5.03 19.44
N ARG D 90 -8.61 4.23 19.65
CA ARG D 90 -8.58 2.88 19.12
C ARG D 90 -9.74 2.85 18.15
N VAL D 91 -9.65 1.98 17.16
CA VAL D 91 -10.75 1.77 16.24
C VAL D 91 -11.30 0.37 16.43
N GLY D 92 -12.58 0.20 16.14
CA GLY D 92 -13.18 -1.09 16.39
C GLY D 92 -14.49 -1.28 15.70
N LEU D 93 -15.03 -2.49 15.85
CA LEU D 93 -16.36 -2.81 15.39
C LEU D 93 -17.14 -3.23 16.61
N SER D 94 -18.42 -2.87 16.63
CA SER D 94 -19.27 -3.22 17.75
C SER D 94 -20.60 -3.71 17.20
N ALA D 95 -21.31 -4.48 18.00
CA ALA D 95 -22.64 -4.90 17.62
C ALA D 95 -23.42 -5.31 18.84
N SER D 96 -24.72 -5.42 18.69
CA SER D 96 -25.53 -5.78 19.82
C SER D 96 -26.82 -6.42 19.33
N THR D 97 -27.49 -7.09 20.26
CA THR D 97 -28.80 -7.62 20.03
C THR D 97 -29.54 -7.32 21.32
N GLY D 98 -30.86 -7.45 21.32
CA GLY D 98 -31.63 -7.14 22.51
C GLY D 98 -32.73 -8.16 22.69
N LEU D 99 -33.97 -7.70 22.71
CA LEU D 99 -35.09 -8.62 22.67
C LEU D 99 -35.04 -9.33 21.34
N TYR D 100 -34.78 -8.55 20.29
CA TYR D 100 -34.57 -9.11 18.98
C TYR D 100 -33.08 -9.28 18.68
N LYS D 101 -32.78 -10.13 17.71
CA LYS D 101 -31.43 -10.62 17.51
C LYS D 101 -31.13 -10.81 16.02
N GLU D 102 -29.87 -11.03 15.73
CA GLU D 102 -29.38 -11.19 14.37
C GLU D 102 -27.94 -11.63 14.53
N THR D 103 -27.39 -12.32 13.54
CA THR D 103 -25.94 -12.54 13.54
C THR D 103 -25.27 -11.21 13.23
N ASN D 104 -24.14 -10.94 13.89
CA ASN D 104 -23.37 -9.76 13.59
C ASN D 104 -21.99 -10.23 13.18
N THR D 105 -21.97 -10.90 12.05
CA THR D 105 -20.80 -11.63 11.60
C THR D 105 -19.96 -10.73 10.72
N ILE D 106 -18.69 -10.59 11.06
CA ILE D 106 -17.78 -9.79 10.25
C ILE D 106 -16.86 -10.73 9.48
N LEU D 107 -16.80 -10.56 8.15
CA LEU D 107 -16.03 -11.47 7.32
C LEU D 107 -14.68 -10.88 6.98
N SER D 108 -14.57 -9.55 7.05
CA SER D 108 -13.31 -8.89 6.74
C SER D 108 -13.41 -7.45 7.25
N TRP D 109 -12.27 -6.84 7.48
CA TRP D 109 -12.24 -5.48 8.02
C TRP D 109 -10.84 -4.95 7.75
N SER D 110 -10.75 -3.80 7.09
CA SER D 110 -9.46 -3.18 6.89
C SER D 110 -9.58 -1.74 7.29
N PHE D 111 -8.44 -1.13 7.55
CA PHE D 111 -8.43 0.24 8.02
C PHE D 111 -7.11 0.82 7.63
N THR D 112 -7.13 2.09 7.25
CA THR D 112 -5.88 2.78 6.99
C THR D 112 -6.02 4.15 7.56
N SER D 113 -5.02 4.59 8.30
CA SER D 113 -4.97 5.99 8.73
CA SER D 113 -4.97 5.99 8.71
C SER D 113 -3.63 6.57 8.32
N LYS D 114 -3.64 7.84 7.95
CA LYS D 114 -2.44 8.53 7.55
C LYS D 114 -2.41 9.94 8.12
N LEU D 115 -1.23 10.34 8.58
CA LEU D 115 -1.06 11.64 9.22
C LEU D 115 0.23 12.26 8.70
N LYS D 116 0.11 13.30 7.88
CA LYS D 116 1.28 13.99 7.34
C LYS D 116 1.51 15.32 8.03
N SER D 117 2.62 15.42 8.76
CA SER D 117 2.88 16.56 9.62
C SER D 117 3.17 17.88 8.89
N ASN D 118 2.73 18.99 9.50
CA ASN D 118 2.85 20.33 8.93
C ASN D 118 4.27 20.88 8.96
N SER D 119 5.04 20.44 9.95
CA SER D 119 6.40 20.93 10.12
C SER D 119 7.41 20.16 9.27
N THR D 120 7.04 18.96 8.83
CA THR D 120 7.95 18.08 8.11
C THR D 120 7.42 17.59 6.76
N HIS D 121 6.09 17.56 6.63
CA HIS D 121 5.42 17.05 5.43
C HIS D 121 5.59 15.54 5.20
N GLU D 122 6.25 14.85 6.13
CA GLU D 122 6.39 13.40 6.02
C GLU D 122 5.21 12.69 6.71
N THR D 123 4.98 11.45 6.31
CA THR D 123 3.75 10.71 6.64
C THR D 123 3.95 9.69 7.72
N ASN D 124 3.02 9.63 8.68
CA ASN D 124 2.86 8.41 9.48
C ASN D 124 1.64 7.63 9.00
N ALA D 125 1.69 6.32 9.12
CA ALA D 125 0.62 5.52 8.54
C ALA D 125 0.41 4.24 9.32
N LEU D 126 -0.84 3.82 9.39
CA LEU D 126 -1.19 2.53 9.94
C LEU D 126 -2.20 1.89 9.01
N HIS D 127 -1.98 0.63 8.68
CA HIS D 127 -2.93 -0.11 7.87
C HIS D 127 -2.98 -1.51 8.42
N PHE D 128 -4.19 -2.02 8.57
CA PHE D 128 -4.34 -3.44 8.81
C PHE D 128 -5.42 -3.99 7.92
N MET D 129 -5.33 -5.28 7.62
CA MET D 129 -6.34 -5.93 6.81
C MET D 129 -6.57 -7.31 7.34
N PHE D 130 -7.80 -7.61 7.74
CA PHE D 130 -8.12 -9.00 8.03
C PHE D 130 -9.17 -9.44 7.02
N ASN D 131 -8.83 -10.48 6.27
CA ASN D 131 -9.79 -11.08 5.36
C ASN D 131 -10.19 -12.43 5.91
N GLN D 132 -9.62 -12.73 7.07
CA GLN D 132 -9.88 -13.94 7.81
C GLN D 132 -9.54 -13.66 9.28
N PHE D 133 -10.29 -14.24 10.21
CA PHE D 133 -9.96 -14.10 11.63
C PHE D 133 -9.61 -15.45 12.22
N SER D 134 -8.57 -15.51 13.03
CA SER D 134 -8.18 -16.79 13.66
C SER D 134 -8.71 -16.92 15.08
N LYS D 135 -8.81 -18.16 15.57
CA LYS D 135 -9.37 -18.46 16.89
C LYS D 135 -8.69 -17.71 18.02
N ASP D 136 -7.43 -17.32 17.81
CA ASP D 136 -6.74 -16.48 18.76
C ASP D 136 -6.03 -15.35 18.02
N GLN D 137 -6.81 -14.35 17.63
CA GLN D 137 -6.32 -13.21 16.86
C GLN D 137 -5.72 -12.19 17.82
N LYS D 138 -4.41 -12.28 18.06
CA LYS D 138 -3.78 -11.47 19.10
C LYS D 138 -3.68 -9.97 18.83
N ASP D 139 -3.95 -9.54 17.60
CA ASP D 139 -3.93 -8.11 17.32
C ASP D 139 -5.32 -7.48 17.41
N LEU D 140 -6.26 -8.24 17.97
CA LEU D 140 -7.61 -7.76 18.24
C LEU D 140 -7.85 -7.82 19.72
N ILE D 141 -8.51 -6.79 20.23
CA ILE D 141 -9.01 -6.79 21.58
C ILE D 141 -10.48 -7.13 21.46
N LEU D 142 -10.83 -8.31 21.96
CA LEU D 142 -12.22 -8.72 21.94
C LEU D 142 -12.88 -8.35 23.25
N GLN D 143 -14.05 -7.74 23.19
CA GLN D 143 -14.78 -7.33 24.37
C GLN D 143 -16.16 -7.93 24.35
N GLY D 144 -16.71 -8.18 25.54
CA GLY D 144 -18.02 -8.77 25.65
C GLY D 144 -18.11 -10.13 24.99
N ASP D 145 -19.12 -10.29 24.13
CA ASP D 145 -19.41 -11.58 23.51
C ASP D 145 -18.65 -11.87 22.23
N ALA D 146 -17.84 -10.92 21.79
CA ALA D 146 -17.11 -11.09 20.53
C ALA D 146 -16.16 -12.27 20.58
N THR D 147 -16.19 -13.10 19.53
CA THR D 147 -15.29 -14.24 19.40
C THR D 147 -14.79 -14.31 17.96
N THR D 148 -13.63 -14.93 17.76
CA THR D 148 -13.07 -15.08 16.42
C THR D 148 -12.75 -16.55 16.13
N GLY D 149 -12.62 -16.86 14.85
CA GLY D 149 -12.12 -18.16 14.44
C GLY D 149 -13.16 -19.10 13.83
N THR D 150 -14.41 -18.95 14.24
CA THR D 150 -15.47 -19.79 13.70
C THR D 150 -15.72 -19.48 12.23
N ASP D 151 -15.34 -20.43 11.37
CA ASP D 151 -15.39 -20.27 9.92
C ASP D 151 -14.42 -19.19 9.42
N GLY D 152 -13.51 -18.75 10.29
CA GLY D 152 -12.57 -17.70 9.93
C GLY D 152 -13.19 -16.31 10.07
N ASN D 153 -14.34 -16.24 10.72
CA ASN D 153 -15.05 -14.98 10.87
C ASN D 153 -14.96 -14.38 12.25
N LEU D 154 -15.28 -13.10 12.35
CA LEU D 154 -15.40 -12.45 13.65
C LEU D 154 -16.89 -12.36 13.96
N GLU D 155 -17.32 -13.00 15.05
CA GLU D 155 -18.72 -12.89 15.46
C GLU D 155 -18.84 -11.87 16.57
N LEU D 156 -19.46 -10.73 16.30
CA LEU D 156 -19.48 -9.67 17.30
C LEU D 156 -20.43 -10.00 18.44
N THR D 157 -21.52 -10.67 18.13
CA THR D 157 -22.45 -11.11 19.17
C THR D 157 -22.62 -12.62 19.19
N ARG D 158 -23.23 -13.14 20.25
CA ARG D 158 -23.34 -14.58 20.45
C ARG D 158 -24.12 -15.28 19.35
N VAL D 159 -23.56 -16.38 18.86
CA VAL D 159 -24.29 -17.28 17.98
C VAL D 159 -24.20 -18.69 18.55
N SER D 160 -25.15 -19.55 18.19
CA SER D 160 -25.10 -20.94 18.61
C SER D 160 -24.07 -21.72 17.80
N SER D 161 -23.91 -22.99 18.12
CA SER D 161 -22.96 -23.86 17.42
C SER D 161 -23.31 -24.01 15.94
N ASN D 162 -24.55 -23.69 15.58
CA ASN D 162 -25.01 -23.80 14.21
C ASN D 162 -25.25 -22.45 13.56
N GLY D 163 -24.87 -21.38 14.27
CA GLY D 163 -25.04 -20.03 13.76
C GLY D 163 -26.34 -19.34 14.14
N SER D 164 -27.03 -19.83 15.16
CA SER D 164 -28.25 -19.17 15.62
C SER D 164 -27.91 -18.00 16.53
N PRO D 165 -28.35 -16.79 16.13
CA PRO D 165 -28.09 -15.56 16.88
C PRO D 165 -28.86 -15.52 18.18
N GLN D 166 -28.29 -14.86 19.19
CA GLN D 166 -28.87 -14.84 20.52
C GLN D 166 -29.19 -13.42 20.94
N GLY D 167 -30.29 -13.25 21.67
CA GLY D 167 -30.69 -11.94 22.13
C GLY D 167 -29.81 -11.45 23.26
N SER D 168 -29.98 -10.20 23.67
CA SER D 168 -29.24 -9.63 24.81
C SER D 168 -27.74 -9.85 24.72
N SER D 169 -27.16 -9.62 23.55
CA SER D 169 -25.72 -9.84 23.36
C SER D 169 -25.04 -8.53 22.99
N VAL D 170 -23.78 -8.39 23.34
CA VAL D 170 -23.03 -7.23 22.91
C VAL D 170 -21.58 -7.61 22.85
N GLY D 171 -20.89 -7.17 21.81
CA GLY D 171 -19.50 -7.51 21.68
C GLY D 171 -18.82 -6.54 20.75
N ARG D 172 -17.53 -6.35 20.99
CA ARG D 172 -16.74 -5.41 20.21
C ARG D 172 -15.39 -6.03 19.91
N ALA D 173 -14.79 -5.60 18.81
CA ALA D 173 -13.42 -5.98 18.51
C ALA D 173 -12.67 -4.70 18.21
N LEU D 174 -11.59 -4.43 18.95
CA LEU D 174 -10.80 -3.24 18.70
C LEU D 174 -9.43 -3.64 18.15
N PHE D 175 -8.91 -2.90 17.18
CA PHE D 175 -7.54 -3.17 16.78
C PHE D 175 -6.58 -2.86 17.91
N TYR D 176 -5.57 -3.70 18.08
CA TYR D 176 -4.75 -3.64 19.29
C TYR D 176 -3.98 -2.32 19.40
N ALA D 177 -3.42 -1.85 18.30
CA ALA D 177 -2.61 -0.63 18.36
C ALA D 177 -3.46 0.64 18.37
N PRO D 178 -3.13 1.59 19.24
CA PRO D 178 -3.71 2.93 19.16
C PRO D 178 -3.37 3.55 17.82
N VAL D 179 -4.25 4.44 17.37
CA VAL D 179 -4.13 5.09 16.09
C VAL D 179 -4.03 6.58 16.33
N HIS D 180 -3.08 7.22 15.67
CA HIS D 180 -2.94 8.66 15.78
C HIS D 180 -3.90 9.28 14.78
N ILE D 181 -5.11 9.61 15.21
CA ILE D 181 -6.19 9.93 14.28
C ILE D 181 -6.16 11.37 13.80
N TRP D 182 -5.64 12.27 14.63
CA TRP D 182 -5.38 13.64 14.21
C TRP D 182 -4.19 14.19 14.97
N GLU D 183 -3.55 15.20 14.39
CA GLU D 183 -2.48 15.92 15.06
C GLU D 183 -2.52 17.33 14.49
N SER D 184 -2.53 18.32 15.37
CA SER D 184 -2.65 19.72 14.95
C SER D 184 -1.58 20.10 13.95
N SER D 185 -0.42 19.46 14.09
CA SER D 185 0.71 19.75 13.23
C SER D 185 0.68 18.92 11.96
N ALA D 186 -0.49 18.43 11.56
CA ALA D 186 -0.59 17.66 10.32
C ALA D 186 -1.20 18.47 9.18
N VAL D 187 -0.63 18.35 7.99
CA VAL D 187 -1.18 19.01 6.80
C VAL D 187 -2.51 18.38 6.45
N VAL D 188 -2.51 17.05 6.35
CA VAL D 188 -3.74 16.32 6.11
C VAL D 188 -3.72 15.05 6.95
N ALA D 189 -4.87 14.73 7.51
CA ALA D 189 -5.05 13.47 8.22
C ALA D 189 -6.20 12.81 7.49
N SER D 190 -6.14 11.50 7.33
CA SER D 190 -7.29 10.85 6.72
C SER D 190 -7.34 9.43 7.22
N PHE D 191 -8.53 8.85 7.17
CA PHE D 191 -8.64 7.43 7.41
C PHE D 191 -9.73 6.83 6.56
N GLU D 192 -9.62 5.53 6.36
CA GLU D 192 -10.73 4.83 5.71
C GLU D 192 -10.86 3.49 6.40
N ALA D 193 -12.08 2.99 6.45
CA ALA D 193 -12.32 1.67 7.00
C ALA D 193 -13.26 0.98 6.05
N THR D 194 -13.07 -0.33 5.88
CA THR D 194 -14.02 -1.10 5.14
C THR D 194 -14.27 -2.38 5.92
N PHE D 195 -15.51 -2.82 5.97
CA PHE D 195 -15.73 -4.16 6.51
C PHE D 195 -16.86 -4.85 5.77
N THR D 196 -16.82 -6.18 5.78
CA THR D 196 -17.93 -6.91 5.21
C THR D 196 -18.62 -7.64 6.33
N PHE D 197 -19.92 -7.79 6.21
CA PHE D 197 -20.71 -8.26 7.33
C PHE D 197 -21.79 -9.17 6.80
N LEU D 198 -22.27 -10.04 7.69
CA LEU D 198 -23.35 -10.96 7.34
C LEU D 198 -24.32 -10.88 8.50
N ILE D 199 -25.43 -10.17 8.28
CA ILE D 199 -26.45 -10.11 9.31
C ILE D 199 -27.59 -11.03 8.88
N LYS D 200 -27.80 -12.06 9.68
CA LYS D 200 -28.85 -13.04 9.41
C LYS D 200 -29.75 -13.09 10.62
N SER D 201 -31.05 -12.97 10.37
CA SER D 201 -32.03 -13.22 11.42
C SER D 201 -33.06 -14.16 10.80
N PRO D 202 -32.95 -15.47 11.11
CA PRO D 202 -33.90 -16.45 10.59
C PRO D 202 -35.29 -16.10 11.10
N ASP D 203 -35.29 -15.39 12.22
CA ASP D 203 -36.48 -14.80 12.83
C ASP D 203 -37.09 -13.75 11.90
N SER D 204 -36.28 -13.18 11.02
CA SER D 204 -36.68 -12.05 10.17
C SER D 204 -37.19 -10.86 10.98
N HIS D 205 -36.80 -10.81 12.25
CA HIS D 205 -37.03 -9.66 13.13
C HIS D 205 -35.66 -9.15 13.61
N PRO D 206 -34.86 -8.54 12.72
CA PRO D 206 -33.48 -8.28 13.15
C PRO D 206 -33.26 -7.11 14.11
N ALA D 207 -32.25 -7.25 14.97
CA ALA D 207 -31.78 -6.18 15.85
C ALA D 207 -30.40 -6.62 16.33
N ASP D 208 -29.52 -5.70 16.72
CA ASP D 208 -29.76 -4.26 16.77
C ASP D 208 -28.91 -3.48 15.78
N GLY D 209 -27.76 -4.04 15.42
CA GLY D 209 -26.94 -3.44 14.39
C GLY D 209 -25.45 -3.62 14.62
N ILE D 210 -24.66 -3.11 13.68
CA ILE D 210 -23.21 -3.17 13.77
C ILE D 210 -22.74 -1.74 13.62
N ALA D 211 -21.62 -1.41 14.27
CA ALA D 211 -21.03 -0.09 14.12
C ALA D 211 -19.55 -0.22 13.95
N PHE D 212 -18.97 0.62 13.10
CA PHE D 212 -17.55 0.88 13.16
C PHE D 212 -17.44 2.09 14.04
N PHE D 213 -16.46 2.09 14.93
CA PHE D 213 -16.35 3.18 15.87
C PHE D 213 -14.92 3.54 16.18
N ILE D 214 -14.75 4.77 16.64
CA ILE D 214 -13.46 5.29 16.98
C ILE D 214 -13.63 5.85 18.37
N SER D 215 -12.71 5.50 19.27
CA SER D 215 -12.94 5.76 20.69
C SER D 215 -11.66 6.08 21.42
N ASN D 216 -11.76 6.59 22.66
CA ASN D 216 -10.57 6.69 23.47
C ASN D 216 -9.92 5.31 23.54
N ILE D 217 -8.60 5.29 23.75
CA ILE D 217 -7.83 4.05 23.68
CA ILE D 217 -7.88 4.03 23.64
C ILE D 217 -8.37 3.00 24.65
N ASP D 218 -8.81 3.46 25.82
CA ASP D 218 -9.20 2.54 26.88
C ASP D 218 -10.70 2.25 26.89
N SER D 219 -11.34 2.45 25.74
CA SER D 219 -12.78 2.28 25.65
C SER D 219 -13.20 0.84 25.92
N SER D 220 -14.31 0.71 26.63
CA SER D 220 -14.92 -0.59 26.88
CA SER D 220 -14.92 -0.59 26.87
C SER D 220 -16.41 -0.50 26.61
N ILE D 221 -17.06 -1.65 26.51
CA ILE D 221 -18.50 -1.73 26.35
C ILE D 221 -19.12 -1.07 27.56
N PRO D 222 -19.94 -0.03 27.36
CA PRO D 222 -20.54 0.58 28.55
C PRO D 222 -21.52 -0.38 29.21
N SER D 223 -21.63 -0.29 30.53
CA SER D 223 -22.52 -1.18 31.25
C SER D 223 -23.92 -1.10 30.67
N GLY D 224 -24.47 -2.27 30.34
CA GLY D 224 -25.86 -2.40 29.95
C GLY D 224 -26.14 -2.05 28.51
N SER D 225 -25.07 -1.85 27.74
CA SER D 225 -25.24 -1.31 26.39
C SER D 225 -25.55 -2.35 25.33
N THR D 226 -26.36 -3.34 25.69
CA THR D 226 -26.88 -4.25 24.69
C THR D 226 -27.99 -3.51 23.95
N GLY D 227 -28.67 -4.20 23.06
CA GLY D 227 -29.83 -3.62 22.40
C GLY D 227 -29.50 -2.37 21.62
N ARG D 228 -30.33 -1.35 21.80
CA ARG D 228 -30.29 -0.12 21.02
C ARG D 228 -29.04 0.72 21.22
N LEU D 229 -28.26 0.42 22.25
CA LEU D 229 -27.08 1.25 22.51
C LEU D 229 -25.83 0.75 21.77
N LEU D 230 -25.97 -0.39 21.10
CA LEU D 230 -24.98 -0.86 20.11
C LEU D 230 -23.60 -1.11 20.69
N GLY D 231 -23.53 -1.25 22.01
CA GLY D 231 -22.26 -1.45 22.68
C GLY D 231 -21.38 -0.23 22.69
N LEU D 232 -21.96 0.93 22.38
CA LEU D 232 -21.17 2.14 22.24
C LEU D 232 -21.45 3.14 23.33
N PHE D 233 -22.70 3.20 23.78
CA PHE D 233 -23.12 4.30 24.63
C PHE D 233 -23.67 3.87 25.99
N PRO D 234 -23.41 4.68 27.03
CA PRO D 234 -23.82 4.41 28.41
C PRO D 234 -25.30 4.65 28.58
N ASP D 235 -25.85 5.52 27.73
CA ASP D 235 -27.27 5.83 27.79
C ASP D 235 -27.79 6.28 26.43
N ALA D 236 -29.06 6.66 26.38
CA ALA D 236 -29.71 7.00 25.12
C ALA D 236 -29.72 8.51 24.86
N ASN D 237 -28.97 9.27 25.65
CA ASN D 237 -28.92 10.71 25.49
C ASN D 237 -28.33 11.14 24.16
N GLY E 1 0.73 -34.93 -29.25
CA GLY E 1 -0.43 -35.77 -29.09
C GLY E 1 -0.29 -36.52 -27.79
N TRP E 2 0.24 -35.82 -26.64
CA TRP E 2 0.43 -36.47 -25.35
C TRP E 2 -0.80 -37.27 -24.85
N TYR E 3 -2.07 -36.65 -24.82
CA TYR E 3 -3.18 -37.40 -24.30
C TYR E 3 -3.71 -38.44 -25.26
C XSN E 4 -5.29 -38.72 -28.03
N XSN E 4 -3.38 -38.28 -26.70
O XSN E 4 -5.52 -37.65 -28.60
CA XSN E 4 -3.86 -39.13 -27.75
CB XSN E 4 -3.76 -40.58 -27.36
CG XSN E 4 -2.34 -41.00 -27.60
OD1 XSN E 4 -2.08 -41.65 -28.68
OD2 XSN E 4 -1.44 -40.71 -26.73
N1 XSN E 4 -6.39 -39.58 -27.63
N GLY F 1 2.51 41.57 -18.01
CA GLY F 1 3.36 42.61 -17.47
C GLY F 1 2.94 42.90 -16.04
N TRP F 2 2.31 41.84 -15.26
CA TRP F 2 1.85 42.05 -13.90
C TRP F 2 2.90 42.71 -13.00
N TYR F 3 4.28 42.36 -13.11
CA TYR F 3 5.21 43.00 -12.24
C TYR F 3 5.69 44.29 -12.90
C XSN F 4 7.13 45.87 -15.36
N XSN F 4 5.31 44.55 -14.32
O XSN F 4 7.61 45.93 -16.49
CA XSN F 4 5.65 45.65 -15.20
CB XSN F 4 4.95 46.98 -14.98
CG XSN F 4 4.23 47.22 -13.68
OD1 XSN F 4 4.42 48.35 -13.10
OD2 XSN F 4 3.45 46.33 -13.17
N1 XSN F 4 8.00 46.01 -14.20
N GLY G 1 37.39 -2.52 26.02
CA GLY G 1 38.57 -1.70 25.86
C GLY G 1 39.14 -2.00 24.48
N TRP G 2 38.25 -1.99 23.34
CA TRP G 2 38.79 -2.26 22.02
C TRP G 2 39.44 -0.97 21.50
N TYR G 3 39.06 0.31 22.04
CA TYR G 3 39.64 1.50 21.51
C TYR G 3 40.90 2.12 22.17
C XSN G 4 41.54 1.48 25.78
N XSN G 4 41.63 1.78 23.44
O XSN G 4 41.42 0.85 26.83
CA XSN G 4 41.40 0.80 24.45
CB XSN G 4 42.53 -0.21 24.39
CG XSN G 4 43.43 -0.02 23.18
OD1 XSN G 4 42.97 -0.25 22.00
OD2 XSN G 4 44.65 0.36 23.33
N1 XSN G 4 41.85 2.90 25.84
N GLY H 1 -40.64 -4.03 21.21
CA GLY H 1 -41.78 -3.17 20.98
C GLY H 1 -42.13 -3.19 19.51
N TRP H 2 -41.12 -2.82 18.53
CA TRP H 2 -41.40 -2.83 17.11
C TRP H 2 -41.41 -4.32 16.73
N TYR H 3 -42.17 -4.83 15.61
CA TYR H 3 -42.26 -6.20 15.14
C TYR H 3 -43.54 -7.00 15.48
C XSN H 4 -44.54 -6.97 19.07
N XSN H 4 -44.44 -6.95 16.68
O XSN H 4 -44.27 -6.53 20.19
CA XSN H 4 -44.35 -6.12 17.85
CB XSN H 4 -45.55 -5.18 17.90
CG XSN H 4 -45.76 -4.29 16.69
OD1 XSN H 4 -44.87 -4.22 15.77
OD2 XSN H 4 -46.85 -3.62 16.59
N1 XSN H 4 -45.07 -8.31 18.93
CA CA I . 4.75 -27.55 -22.03
MN MN J . 7.49 -26.36 -19.30
CA CA K . -2.53 32.91 -13.86
MN MN L . -5.63 31.14 -11.94
CA CA M . 29.46 -6.24 19.23
MN MN N . 28.04 -8.81 16.42
CA CA O . -31.69 1.28 16.73
MN MN P . -30.04 4.49 14.86
OAF 8LR Q . 0.69 -34.26 -30.48
CAG 8LR Q . 1.62 -33.18 -30.49
CAH 8LR Q . 0.78 -31.89 -30.38
O1 8LR Q . 1.63 -30.72 -30.38
C1 8LR Q . 0.89 -29.52 -30.52
O5 8LR Q . -0.06 -29.40 -29.39
C5 8LR Q . 0.68 -29.31 -28.11
C6 8LR Q . -0.35 -29.22 -27.00
O6 8LR Q . -1.22 -28.15 -27.31
C4 8LR Q . 1.60 -28.14 -28.11
O4 8LR Q . 2.39 -28.09 -26.90
C3 8LR Q . 2.53 -28.26 -29.26
O3 8LR Q . 3.42 -27.08 -29.34
C2 8LR Q . 1.83 -28.36 -30.54
O2 8LR Q . 1.02 -27.17 -30.79
OAF 8LR R . 2.35 41.71 -19.40
CAG 8LR R . 1.57 40.63 -19.91
CAH 8LR R . 2.47 39.38 -19.98
O1 8LR R . 1.69 38.25 -20.44
C1 8LR R . 2.49 37.15 -20.84
O5 8LR R . 3.23 36.68 -19.66
C5 8LR R . 2.33 36.20 -18.61
C6 8LR R . 3.20 35.78 -17.44
O6 8LR R . 4.07 34.75 -17.88
C4 8LR R . 1.45 35.09 -19.13
O4 8LR R . 0.47 34.73 -18.13
C3 8LR R . 0.70 35.54 -20.35
O3 8LR R . -0.07 34.41 -20.90
C2 8LR R . 1.61 36.06 -21.38
O2 8LR R . 2.51 34.99 -21.76
OAF 8LR S . 36.91 -2.40 27.32
CAG 8LR S . 35.96 -3.45 27.58
CAH 8LR S . 34.65 -3.02 26.91
O1 8LR S . 33.53 -3.83 27.37
C1 8LR S . 32.39 -3.08 27.72
O5 8LR S . 32.12 -2.01 26.71
C5 8LR S . 31.76 -2.55 25.39
C6 8LR S . 31.53 -1.40 24.44
O6 8LR S . 30.44 -0.62 24.87
C4 8LR S . 30.60 -3.48 25.49
O4 8LR S . 30.41 -4.12 24.21
C3 8LR S . 30.89 -4.55 26.48
O3 8LR S . 29.72 -5.40 26.67
C2 8LR S . 31.20 -4.00 27.79
O2 8LR S . 30.09 -3.19 28.21
OAF 8LR T . -40.04 -3.67 22.42
CAG 8LR T . -38.74 -3.11 22.19
CAH 8LR T . -37.74 -4.05 22.87
O1 8LR T . -36.57 -3.32 23.27
C1 8LR T . -35.49 -4.19 23.48
O5 8LR T . -35.17 -4.87 22.21
C5 8LR T . -34.68 -3.92 21.20
C6 8LR T . -34.33 -4.67 19.93
O6 8LR T . -33.49 -5.76 20.26
C4 8LR T . -33.49 -3.13 21.70
O4 8LR T . -33.19 -2.09 20.74
C3 8LR T . -33.79 -2.47 23.01
O3 8LR T . -32.58 -1.84 23.55
C2 8LR T . -34.30 -3.42 24.01
O2 8LR T . -33.27 -4.40 24.34
#